data_6CZC
#
_entry.id   6CZC
#
_cell.length_a   54.580
_cell.length_b   105.370
_cell.length_c   154.970
_cell.angle_alpha   90.000
_cell.angle_beta   90.000
_cell.angle_gamma   90.000
#
_symmetry.space_group_name_H-M   'P 21 21 21'
#
loop_
_entity.id
_entity.type
_entity.pdbx_description
1 polymer 'ATP-dependent dethiobiotin synthetase BioD'
2 non-polymer 'MAGNESIUM ION'
3 non-polymer "THYMIDINE-5'-TRIPHOSPHATE"
4 water water
#
_entity_poly.entity_id   1
_entity_poly.type   'polypeptide(L)'
_entity_poly.pdbx_seq_one_letter_code
;MGHHHHHHGGTILVVTGTGTGVGKTVVCAALASAARQAGIDVAVCKPVQTGTARGDDDLAEVGRLAGVTQLAGLARYPQP
MAPAAAAEHAGMALPARDQIVRLIADLDRPGRLTLVEGAGGLLVELAEPGVTLRDVAVDVAAAALVVVTADLGTLNHTKL
TLEALAAQQVSCAGLVIGSWPDPPGLVAASNRSALARIAMVRAALPAGAASLDAGDFAAMSAAAFDRNWVAGLVG
;
_entity_poly.pdbx_strand_id   A,B,C,D
#
# COMPACT_ATOMS: atom_id res chain seq x y z
N GLY A 9 5.41 2.42 -22.82
CA GLY A 9 6.38 3.16 -22.01
C GLY A 9 7.44 2.30 -21.37
N GLY A 10 8.34 2.93 -20.63
CA GLY A 10 9.27 2.20 -19.79
C GLY A 10 8.96 2.31 -18.31
N THR A 11 10.00 2.40 -17.47
CA THR A 11 9.80 2.57 -16.05
C THR A 11 10.30 3.93 -15.62
N ILE A 12 9.44 4.69 -14.97
CA ILE A 12 9.77 6.02 -14.46
C ILE A 12 9.77 5.95 -12.94
N LEU A 13 10.84 6.44 -12.34
CA LEU A 13 10.95 6.59 -10.89
C LEU A 13 11.25 8.05 -10.57
N VAL A 14 10.39 8.69 -9.80
CA VAL A 14 10.79 9.94 -9.15
C VAL A 14 11.69 9.58 -7.98
N VAL A 15 12.79 10.31 -7.86
CA VAL A 15 13.72 10.12 -6.75
C VAL A 15 13.54 11.34 -5.87
N THR A 16 12.88 11.15 -4.74
CA THR A 16 12.61 12.21 -3.79
C THR A 16 13.45 11.95 -2.53
N GLY A 17 13.28 12.81 -1.54
CA GLY A 17 13.98 12.61 -0.30
C GLY A 17 13.19 13.21 0.84
N THR A 18 13.62 12.87 2.06
CA THR A 18 13.06 13.50 3.24
C THR A 18 13.46 14.96 3.34
N GLY A 19 14.42 15.41 2.53
CA GLY A 19 14.78 16.81 2.47
C GLY A 19 15.78 17.09 1.37
N THR A 20 16.48 18.22 1.52
CA THR A 20 17.56 18.58 0.60
C THR A 20 18.90 18.16 1.22
N GLY A 21 19.85 17.82 0.35
CA GLY A 21 21.16 17.42 0.82
C GLY A 21 21.20 16.04 1.45
N VAL A 22 20.23 15.18 1.18
CA VAL A 22 20.22 13.84 1.76
C VAL A 22 20.87 12.79 0.87
N GLY A 23 21.32 13.15 -0.34
CA GLY A 23 21.89 12.18 -1.25
C GLY A 23 21.08 11.81 -2.49
N LYS A 24 20.00 12.53 -2.80
CA LYS A 24 19.19 12.22 -3.98
C LYS A 24 20.05 12.12 -5.24
N THR A 25 20.93 13.11 -5.46
CA THR A 25 21.72 13.14 -6.69
C THR A 25 22.68 11.95 -6.77
N VAL A 26 23.36 11.61 -5.67
CA VAL A 26 24.28 10.48 -5.74
C VAL A 26 23.53 9.16 -5.85
N VAL A 27 22.29 9.08 -5.35
CA VAL A 27 21.50 7.87 -5.49
C VAL A 27 21.05 7.69 -6.93
N CYS A 28 20.64 8.78 -7.59
CA CYS A 28 20.33 8.71 -9.01
C CYS A 28 21.52 8.14 -9.78
N ALA A 29 22.70 8.70 -9.52
CA ALA A 29 23.89 8.28 -10.23
C ALA A 29 24.24 6.84 -9.91
N ALA A 30 24.02 6.41 -8.67
CA ALA A 30 24.30 5.02 -8.32
C ALA A 30 23.30 4.07 -8.97
N LEU A 31 22.00 4.39 -8.89
CA LEU A 31 21.01 3.53 -9.54
C LEU A 31 21.23 3.51 -11.05
N ALA A 32 21.50 4.67 -11.64
CA ALA A 32 21.81 4.75 -13.06
C ALA A 32 23.01 3.88 -13.43
N SER A 33 24.08 3.95 -12.63
CA SER A 33 25.27 3.13 -12.91
C SER A 33 24.95 1.65 -12.80
N ALA A 34 24.26 1.23 -11.73
CA ALA A 34 23.91 -0.17 -11.58
C ALA A 34 22.95 -0.63 -12.67
N ALA A 35 21.98 0.22 -13.04
CA ALA A 35 21.06 -0.11 -14.11
C ALA A 35 21.81 -0.32 -15.42
N ARG A 36 22.73 0.60 -15.73
CA ARG A 36 23.51 0.51 -16.96
C ARG A 36 24.34 -0.77 -16.99
N GLN A 37 24.99 -1.12 -15.87
CA GLN A 37 25.77 -2.34 -15.85
C GLN A 37 24.92 -3.60 -15.92
N ALA A 38 23.59 -3.49 -15.85
CA ALA A 38 22.72 -4.62 -16.09
C ALA A 38 22.21 -4.67 -17.53
N GLY A 39 22.61 -3.72 -18.36
CA GLY A 39 22.16 -3.64 -19.75
C GLY A 39 20.98 -2.73 -20.00
N ILE A 40 20.59 -1.94 -19.01
CA ILE A 40 19.33 -1.20 -19.02
C ILE A 40 19.62 0.21 -19.50
N ASP A 41 18.85 0.69 -20.46
CA ASP A 41 19.01 2.06 -20.90
C ASP A 41 18.47 3.00 -19.83
N VAL A 42 19.22 4.07 -19.56
CA VAL A 42 18.91 4.97 -18.46
C VAL A 42 18.82 6.38 -18.98
N ALA A 43 17.76 7.09 -18.58
CA ALA A 43 17.71 8.53 -18.68
C ALA A 43 17.56 9.10 -17.28
N VAL A 44 18.15 10.29 -17.08
CA VAL A 44 17.99 11.02 -15.83
C VAL A 44 17.56 12.45 -16.14
N CYS A 45 16.77 13.00 -15.25
CA CYS A 45 15.95 14.17 -15.51
C CYS A 45 15.88 15.03 -14.24
N LYS A 46 16.12 16.33 -14.38
CA LYS A 46 16.07 17.26 -13.24
C LYS A 46 15.30 18.51 -13.66
N PRO A 47 13.97 18.50 -13.52
CA PRO A 47 13.17 19.58 -14.15
C PRO A 47 13.38 20.95 -13.52
N VAL A 48 13.83 21.03 -12.26
CA VAL A 48 14.07 22.31 -11.60
C VAL A 48 15.43 22.25 -10.90
N GLN A 49 16.32 23.15 -11.28
CA GLN A 49 17.65 23.27 -10.69
C GLN A 49 17.84 24.68 -10.17
N THR A 50 18.10 24.81 -8.88
CA THR A 50 18.46 26.09 -8.27
C THR A 50 19.96 26.11 -8.00
N GLY A 51 20.45 27.25 -7.56
CA GLY A 51 21.84 27.36 -7.17
C GLY A 51 22.84 27.37 -8.31
N THR A 52 22.40 27.57 -9.56
CA THR A 52 23.38 27.60 -10.66
C THR A 52 24.46 28.64 -10.41
N ALA A 53 24.13 29.76 -9.74
CA ALA A 53 25.12 30.78 -9.46
C ALA A 53 26.16 30.33 -8.42
N ARG A 54 25.91 29.24 -7.71
CA ARG A 54 26.92 28.64 -6.84
C ARG A 54 27.58 27.43 -7.49
N GLY A 55 27.26 27.15 -8.76
CA GLY A 55 27.78 25.99 -9.48
C GLY A 55 26.95 24.71 -9.39
N ASP A 56 25.82 24.71 -8.68
CA ASP A 56 25.05 23.48 -8.52
C ASP A 56 24.49 23.00 -9.86
N ASP A 57 24.72 21.72 -10.16
CA ASP A 57 24.22 21.12 -11.39
C ASP A 57 24.20 19.61 -11.15
N ASP A 58 23.04 19.10 -10.71
CA ASP A 58 22.93 17.69 -10.39
C ASP A 58 23.03 16.83 -11.65
N LEU A 59 22.45 17.30 -12.76
CA LEU A 59 22.61 16.53 -13.98
C LEU A 59 24.09 16.35 -14.31
N ALA A 60 24.87 17.41 -14.16
CA ALA A 60 26.29 17.33 -14.49
C ALA A 60 27.00 16.34 -13.57
N GLU A 61 26.66 16.36 -12.29
CA GLU A 61 27.27 15.40 -11.37
C GLU A 61 26.87 13.98 -11.75
N VAL A 62 25.59 13.76 -12.07
CA VAL A 62 25.16 12.41 -12.44
C VAL A 62 25.90 11.93 -13.69
N GLY A 63 26.07 12.82 -14.67
CA GLY A 63 26.89 12.47 -15.82
C GLY A 63 28.31 12.11 -15.42
N ARG A 64 28.92 12.93 -14.57
CA ARG A 64 30.28 12.67 -14.14
C ARG A 64 30.39 11.30 -13.45
N LEU A 65 29.63 11.10 -12.37
CA LEU A 65 29.81 9.90 -11.54
C LEU A 65 29.44 8.64 -12.29
N ALA A 66 28.42 8.69 -13.16
CA ALA A 66 27.86 7.47 -13.74
C ALA A 66 28.14 7.31 -15.22
N GLY A 67 28.54 8.37 -15.92
CA GLY A 67 28.68 8.32 -17.36
C GLY A 67 27.37 8.43 -18.13
N VAL A 68 26.25 8.73 -17.48
CA VAL A 68 24.99 8.90 -18.18
C VAL A 68 25.08 10.12 -19.09
N THR A 69 24.61 9.97 -20.34
CA THR A 69 24.56 11.07 -21.28
C THR A 69 23.15 11.55 -21.59
N GLN A 70 22.13 10.75 -21.28
CA GLN A 70 20.75 11.13 -21.53
C GLN A 70 20.24 11.90 -20.30
N LEU A 71 20.55 13.20 -20.27
CA LEU A 71 20.31 14.10 -19.14
C LEU A 71 19.44 15.27 -19.60
N ALA A 72 18.31 15.50 -18.92
CA ALA A 72 17.32 16.47 -19.37
C ALA A 72 16.98 17.45 -18.25
N GLY A 73 17.28 18.73 -18.49
CA GLY A 73 16.89 19.83 -17.63
C GLY A 73 15.75 20.63 -18.22
N LEU A 74 15.31 21.61 -17.45
CA LEU A 74 14.21 22.44 -17.93
C LEU A 74 14.29 23.82 -17.30
N ALA A 75 14.08 23.89 -16.00
CA ALA A 75 14.09 25.15 -15.26
C ALA A 75 15.40 25.28 -14.52
N ARG A 76 16.05 26.44 -14.65
CA ARG A 76 17.29 26.74 -13.96
C ARG A 76 17.22 28.14 -13.39
N TYR A 77 17.72 28.33 -12.15
CA TYR A 77 17.66 29.60 -11.43
C TYR A 77 18.99 29.86 -10.73
N PRO A 78 19.44 31.11 -10.69
CA PRO A 78 20.75 31.41 -10.09
C PRO A 78 20.87 31.08 -8.62
N GLN A 79 19.89 31.51 -7.79
CA GLN A 79 20.06 31.57 -6.33
C GLN A 79 19.87 30.21 -5.69
N PRO A 80 20.62 29.90 -4.64
CA PRO A 80 20.40 28.65 -3.88
C PRO A 80 19.27 28.81 -2.87
N MET A 81 18.04 28.83 -3.39
CA MET A 81 16.82 28.97 -2.63
C MET A 81 15.86 27.88 -3.06
N ALA A 82 14.78 27.72 -2.32
CA ALA A 82 13.72 26.87 -2.80
C ALA A 82 13.21 27.40 -4.15
N PRO A 83 12.82 26.50 -5.07
CA PRO A 83 12.43 26.93 -6.43
C PRO A 83 11.54 28.16 -6.48
N ALA A 84 10.45 28.18 -5.71
CA ALA A 84 9.55 29.33 -5.71
C ALA A 84 10.31 30.63 -5.42
N ALA A 85 11.13 30.62 -4.36
CA ALA A 85 11.87 31.84 -4.00
C ALA A 85 13.02 32.14 -4.97
N ALA A 86 13.63 31.11 -5.56
CA ALA A 86 14.73 31.33 -6.50
C ALA A 86 14.22 31.90 -7.82
N ALA A 87 13.18 31.31 -8.38
CA ALA A 87 12.56 31.87 -9.57
C ALA A 87 12.06 33.29 -9.29
N GLU A 88 11.46 33.53 -8.13
CA GLU A 88 11.02 34.87 -7.76
C GLU A 88 12.18 35.85 -7.75
N HIS A 89 13.29 35.48 -7.11
CA HIS A 89 14.46 36.35 -7.06
C HIS A 89 15.03 36.64 -8.45
N ALA A 90 14.73 35.80 -9.43
CA ALA A 90 15.28 35.99 -10.77
C ALA A 90 14.25 36.58 -11.72
N GLY A 91 13.14 37.11 -11.21
CA GLY A 91 12.12 37.64 -12.09
C GLY A 91 11.55 36.63 -13.06
N MET A 92 11.68 35.33 -12.77
CA MET A 92 11.21 34.26 -13.63
C MET A 92 10.03 33.55 -12.98
N ALA A 93 9.31 32.78 -13.78
CA ALA A 93 8.25 31.97 -13.22
C ALA A 93 8.69 30.51 -13.14
N LEU A 94 8.05 29.78 -12.25
CA LEU A 94 8.22 28.34 -12.25
C LEU A 94 7.68 27.77 -13.57
N PRO A 95 8.12 26.59 -13.96
CA PRO A 95 7.53 25.94 -15.13
C PRO A 95 6.11 25.54 -14.84
N ALA A 96 5.32 25.36 -15.90
CA ALA A 96 3.98 24.84 -15.71
C ALA A 96 4.03 23.32 -15.58
N ARG A 97 3.02 22.77 -14.92
CA ARG A 97 2.96 21.34 -14.68
C ARG A 97 3.05 20.54 -15.97
N ASP A 98 2.40 20.99 -17.04
CA ASP A 98 2.48 20.24 -18.30
C ASP A 98 3.90 20.26 -18.88
N GLN A 99 4.71 21.29 -18.59
CA GLN A 99 6.06 21.27 -19.15
C GLN A 99 6.92 20.22 -18.45
N ILE A 100 6.73 20.06 -17.13
CA ILE A 100 7.46 19.03 -16.41
C ILE A 100 7.06 17.66 -16.92
N VAL A 101 5.75 17.44 -17.06
CA VAL A 101 5.21 16.18 -17.58
C VAL A 101 5.76 15.91 -18.99
N ARG A 102 5.76 16.93 -19.87
CA ARG A 102 6.31 16.77 -21.21
C ARG A 102 7.77 16.35 -21.18
N LEU A 103 8.56 17.03 -20.35
CA LEU A 103 9.97 16.66 -20.20
C LEU A 103 10.12 15.16 -19.93
N ILE A 104 9.37 14.65 -18.95
CA ILE A 104 9.52 13.27 -18.56
C ILE A 104 9.00 12.33 -19.63
N ALA A 105 7.79 12.61 -20.14
CA ALA A 105 7.16 11.72 -21.10
C ALA A 105 7.96 11.60 -22.40
N ASP A 106 8.67 12.67 -22.79
CA ASP A 106 9.52 12.56 -23.97
C ASP A 106 10.64 11.56 -23.78
N LEU A 107 11.13 11.38 -22.54
CA LEU A 107 12.23 10.46 -22.30
C LEU A 107 11.78 9.03 -22.12
N ASP A 108 10.58 8.81 -21.55
CA ASP A 108 10.03 7.47 -21.35
C ASP A 108 10.12 6.66 -22.64
N ARG A 109 10.58 5.41 -22.52
CA ARG A 109 10.82 4.53 -23.66
C ARG A 109 10.80 3.10 -23.15
N PRO A 110 10.26 2.14 -23.91
CA PRO A 110 10.26 0.75 -23.41
C PRO A 110 11.67 0.26 -23.12
N GLY A 111 11.81 -0.50 -22.05
CA GLY A 111 13.12 -0.97 -21.66
C GLY A 111 14.04 0.07 -21.10
N ARG A 112 13.60 1.32 -20.97
CA ARG A 112 14.39 2.39 -20.39
C ARG A 112 13.92 2.72 -18.97
N LEU A 113 14.89 2.94 -18.09
CA LEU A 113 14.66 3.45 -16.75
C LEU A 113 14.89 4.96 -16.76
N THR A 114 13.87 5.72 -16.43
CA THR A 114 13.96 7.18 -16.35
C THR A 114 13.91 7.60 -14.89
N LEU A 115 14.93 8.34 -14.44
CA LEU A 115 14.96 8.84 -13.07
C LEU A 115 14.70 10.34 -13.06
N VAL A 116 13.77 10.77 -12.22
CA VAL A 116 13.36 12.17 -12.13
C VAL A 116 13.69 12.67 -10.73
N GLU A 117 14.72 13.49 -10.60
CA GLU A 117 15.12 14.01 -9.30
C GLU A 117 14.37 15.29 -9.02
N GLY A 118 13.79 15.38 -7.83
CA GLY A 118 13.10 16.59 -7.42
C GLY A 118 14.07 17.65 -6.95
N ALA A 119 13.50 18.69 -6.37
CA ALA A 119 14.24 19.71 -5.65
C ALA A 119 13.82 19.60 -4.18
N GLY A 120 14.78 19.33 -3.30
CA GLY A 120 14.45 19.15 -1.90
C GLY A 120 13.52 17.97 -1.69
N GLY A 121 12.57 18.14 -0.78
CA GLY A 121 11.68 17.06 -0.37
C GLY A 121 10.41 16.95 -1.21
N LEU A 122 9.60 15.95 -0.86
CA LEU A 122 8.47 15.55 -1.68
C LEU A 122 7.52 16.71 -1.99
N LEU A 123 7.21 17.55 -0.99
CA LEU A 123 6.16 18.53 -1.18
C LEU A 123 6.67 19.92 -1.53
N VAL A 124 7.94 20.05 -1.96
CA VAL A 124 8.44 21.33 -2.43
C VAL A 124 7.69 21.73 -3.70
N GLU A 125 7.26 22.99 -3.76
CA GLU A 125 6.58 23.47 -4.96
C GLU A 125 7.53 23.51 -6.17
N LEU A 126 7.23 22.72 -7.19
CA LEU A 126 8.04 22.72 -8.41
C LEU A 126 7.39 23.42 -9.58
N ALA A 127 6.12 23.81 -9.47
CA ALA A 127 5.39 24.36 -10.61
C ALA A 127 4.22 25.17 -10.10
N GLU A 128 3.90 26.22 -10.82
CA GLU A 128 2.70 26.99 -10.52
C GLU A 128 1.47 26.12 -10.74
N PRO A 129 0.54 26.04 -9.78
CA PRO A 129 0.60 26.60 -8.43
C PRO A 129 0.58 25.54 -7.32
N GLY A 130 1.62 25.48 -6.50
CA GLY A 130 1.66 24.43 -5.48
C GLY A 130 1.80 23.03 -6.02
N VAL A 131 2.30 22.88 -7.25
CA VAL A 131 2.46 21.57 -7.87
C VAL A 131 3.77 20.97 -7.40
N THR A 132 3.72 19.73 -6.94
CA THR A 132 4.88 19.06 -6.38
C THR A 132 5.28 17.87 -7.24
N LEU A 133 6.43 17.31 -6.85
CA LEU A 133 6.91 16.08 -7.44
C LEU A 133 5.93 14.93 -7.26
N ARG A 134 5.13 14.96 -6.18
CA ARG A 134 4.11 13.93 -6.00
C ARG A 134 3.03 14.03 -7.05
N ASP A 135 2.54 15.25 -7.32
CA ASP A 135 1.60 15.45 -8.40
C ASP A 135 2.19 14.95 -9.71
N VAL A 136 3.47 15.24 -9.94
CA VAL A 136 4.10 14.83 -11.18
C VAL A 136 4.15 13.31 -11.27
N ALA A 137 4.52 12.65 -10.18
CA ALA A 137 4.57 11.18 -10.19
C ALA A 137 3.20 10.60 -10.50
N VAL A 138 2.14 11.20 -9.96
CA VAL A 138 0.77 10.81 -10.33
C VAL A 138 0.55 10.95 -11.84
N ASP A 139 0.98 12.09 -12.42
CA ASP A 139 0.69 12.36 -13.83
C ASP A 139 1.35 11.37 -14.78
N VAL A 140 2.54 10.87 -14.44
CA VAL A 140 3.25 9.93 -15.31
C VAL A 140 3.21 8.51 -14.77
N ALA A 141 2.35 8.23 -13.78
CA ALA A 141 2.27 6.93 -13.13
C ALA A 141 3.66 6.40 -12.77
N ALA A 142 4.43 7.22 -12.05
CA ALA A 142 5.73 6.80 -11.56
C ALA A 142 5.62 6.33 -10.11
N ALA A 143 6.46 5.38 -9.75
CA ALA A 143 6.68 5.07 -8.36
C ALA A 143 7.75 6.03 -7.81
N ALA A 144 8.02 5.93 -6.52
CA ALA A 144 8.87 6.91 -5.86
C ALA A 144 9.93 6.18 -5.04
N LEU A 145 11.19 6.51 -5.28
CA LEU A 145 12.32 6.05 -4.48
C LEU A 145 12.68 7.16 -3.49
N VAL A 146 12.70 6.84 -2.20
CA VAL A 146 12.79 7.83 -1.12
C VAL A 146 14.19 7.76 -0.53
N VAL A 147 14.96 8.84 -0.70
CA VAL A 147 16.31 8.90 -0.15
C VAL A 147 16.23 9.51 1.24
N VAL A 148 16.85 8.83 2.21
CA VAL A 148 16.74 9.16 3.62
C VAL A 148 18.14 9.22 4.21
N THR A 149 18.28 9.95 5.31
CA THR A 149 19.47 9.85 6.14
C THR A 149 19.29 8.74 7.17
N ALA A 150 20.41 8.32 7.75
CA ALA A 150 20.40 7.52 8.97
C ALA A 150 20.60 8.37 10.24
N ASP A 151 20.45 9.69 10.13
CA ASP A 151 20.63 10.55 11.30
C ASP A 151 19.33 10.69 12.08
N LEU A 152 19.44 11.33 13.23
CA LEU A 152 18.30 11.51 14.12
C LEU A 152 17.19 12.31 13.44
N GLY A 153 15.94 11.96 13.72
CA GLY A 153 14.78 12.51 13.02
C GLY A 153 14.37 11.77 11.75
N THR A 154 15.15 10.80 11.30
CA THR A 154 14.91 10.16 10.01
C THR A 154 13.61 9.35 10.02
N LEU A 155 13.33 8.66 11.13
CA LEU A 155 12.12 7.83 11.20
C LEU A 155 10.88 8.67 10.97
N ASN A 156 10.78 9.81 11.64
CA ASN A 156 9.59 10.64 11.53
C ASN A 156 9.45 11.23 10.13
N HIS A 157 10.52 11.83 9.61
CA HIS A 157 10.46 12.36 8.25
C HIS A 157 10.15 11.26 7.24
N THR A 158 10.76 10.07 7.42
CA THR A 158 10.51 8.98 6.49
C THR A 158 9.06 8.53 6.54
N LYS A 159 8.50 8.41 7.75
CA LYS A 159 7.11 8.02 7.86
C LYS A 159 6.19 9.08 7.28
N LEU A 160 6.50 10.36 7.54
CA LEU A 160 5.69 11.44 6.97
C LEU A 160 5.72 11.41 5.45
N THR A 161 6.89 11.16 4.87
CA THR A 161 7.00 11.12 3.42
C THR A 161 6.24 9.93 2.83
N LEU A 162 6.38 8.75 3.44
CA LEU A 162 5.67 7.57 2.96
C LEU A 162 4.15 7.75 3.04
N GLU A 163 3.66 8.41 4.10
N GLU A 163 3.66 8.42 4.09
CA GLU A 163 2.23 8.68 4.21
CA GLU A 163 2.22 8.66 4.19
C GLU A 163 1.76 9.62 3.10
C GLU A 163 1.75 9.63 3.12
N ALA A 164 2.52 10.69 2.84
CA ALA A 164 2.14 11.60 1.76
C ALA A 164 2.12 10.86 0.42
N LEU A 165 3.02 9.88 0.23
CA LEU A 165 3.01 9.10 -1.01
C LEU A 165 1.73 8.26 -1.11
N ALA A 166 1.39 7.52 -0.05
CA ALA A 166 0.25 6.62 -0.07
C ALA A 166 -1.08 7.36 -0.23
N ALA A 167 -1.19 8.59 0.27
CA ALA A 167 -2.47 9.30 0.22
C ALA A 167 -2.86 9.67 -1.21
N GLN A 168 -1.88 9.77 -2.10
CA GLN A 168 -2.09 10.02 -3.50
C GLN A 168 -1.88 8.77 -4.35
N GLN A 169 -1.78 7.60 -3.69
N GLN A 169 -1.77 7.59 -3.70
CA GLN A 169 -1.55 6.31 -4.35
CA GLN A 169 -1.57 6.31 -4.40
C GLN A 169 -0.32 6.33 -5.25
C GLN A 169 -0.30 6.31 -5.25
N VAL A 170 0.76 6.91 -4.72
CA VAL A 170 2.07 6.85 -5.36
C VAL A 170 2.84 5.71 -4.70
N SER A 171 3.08 4.66 -5.47
CA SER A 171 3.76 3.48 -4.96
C SER A 171 5.18 3.85 -4.51
N CYS A 172 5.65 3.19 -3.46
CA CYS A 172 6.99 3.44 -2.94
C CYS A 172 7.91 2.30 -3.35
N ALA A 173 8.91 2.62 -4.15
CA ALA A 173 9.85 1.61 -4.62
C ALA A 173 10.92 1.27 -3.59
N GLY A 174 10.91 1.92 -2.44
CA GLY A 174 11.82 1.60 -1.35
C GLY A 174 12.57 2.81 -0.85
N LEU A 175 13.38 2.57 0.17
CA LEU A 175 14.26 3.59 0.71
C LEU A 175 15.68 3.35 0.22
N VAL A 176 16.47 4.42 0.18
CA VAL A 176 17.91 4.35 0.04
C VAL A 176 18.53 5.27 1.08
N ILE A 177 19.54 4.79 1.80
CA ILE A 177 20.28 5.65 2.72
C ILE A 177 21.32 6.39 1.91
N GLY A 178 21.22 7.72 1.88
CA GLY A 178 22.06 8.49 0.98
C GLY A 178 23.51 8.54 1.41
N SER A 179 23.76 8.61 2.72
CA SER A 179 25.13 8.63 3.21
C SER A 179 25.22 7.69 4.41
N TRP A 180 26.04 6.65 4.27
CA TRP A 180 26.18 5.60 5.26
C TRP A 180 27.64 5.57 5.73
N PRO A 181 27.88 5.73 7.03
CA PRO A 181 29.25 5.91 7.53
C PRO A 181 29.96 4.61 7.87
N ASP A 182 31.29 4.66 7.71
CA ASP A 182 32.16 3.54 8.07
C ASP A 182 33.12 4.02 9.15
N PRO A 183 33.07 3.43 10.37
CA PRO A 183 32.09 2.41 10.75
C PRO A 183 30.72 3.03 10.97
N PRO A 184 29.66 2.23 10.98
CA PRO A 184 28.32 2.77 11.24
C PRO A 184 28.19 3.62 12.49
N GLY A 185 28.55 3.10 13.66
CA GLY A 185 28.25 3.79 14.90
C GLY A 185 26.81 3.60 15.31
N LEU A 186 26.54 3.84 16.60
CA LEU A 186 25.27 3.37 17.18
C LEU A 186 24.07 4.10 16.61
N VAL A 187 24.16 5.42 16.43
CA VAL A 187 23.00 6.20 16.01
C VAL A 187 22.53 5.74 14.63
N ALA A 188 23.46 5.71 13.67
CA ALA A 188 23.12 5.30 12.31
C ALA A 188 22.64 3.86 12.28
N ALA A 189 23.37 2.95 12.93
CA ALA A 189 23.03 1.54 12.90
C ALA A 189 21.63 1.30 13.44
N SER A 190 21.29 1.94 14.56
CA SER A 190 19.94 1.77 15.11
C SER A 190 18.89 2.27 14.11
N ASN A 191 19.13 3.42 13.48
CA ASN A 191 18.17 4.01 12.56
C ASN A 191 17.98 3.14 11.33
N ARG A 192 19.06 2.50 10.86
CA ARG A 192 18.94 1.64 9.69
C ARG A 192 18.12 0.41 10.01
N SER A 193 18.32 -0.13 11.22
N SER A 193 18.30 -0.12 11.23
CA SER A 193 17.46 -1.22 11.68
CA SER A 193 17.46 -1.23 11.68
C SER A 193 16.00 -0.79 11.69
C SER A 193 16.00 -0.81 11.73
N ALA A 194 15.73 0.42 12.18
CA ALA A 194 14.36 0.88 12.32
C ALA A 194 13.76 1.26 10.96
N LEU A 195 14.57 1.77 10.05
CA LEU A 195 14.08 2.04 8.69
C LEU A 195 13.69 0.75 7.98
N ALA A 196 14.46 -0.32 8.13
CA ALA A 196 14.13 -1.58 7.46
C ALA A 196 12.85 -2.22 7.99
N ARG A 197 12.43 -1.90 9.23
CA ARG A 197 11.12 -2.36 9.68
C ARG A 197 10.00 -1.59 9.02
N ILE A 198 10.29 -0.40 8.49
CA ILE A 198 9.28 0.46 7.89
C ILE A 198 9.06 0.14 6.41
N ALA A 199 10.15 -0.06 5.67
CA ALA A 199 10.13 -0.27 4.23
C ALA A 199 11.44 -0.93 3.83
N MET A 200 11.52 -1.33 2.57
N MET A 200 11.53 -1.35 2.57
CA MET A 200 12.73 -1.98 2.05
CA MET A 200 12.73 -2.01 2.09
C MET A 200 13.84 -0.97 1.86
C MET A 200 13.84 -1.00 1.84
N VAL A 201 15.01 -1.25 2.43
CA VAL A 201 16.20 -0.44 2.21
C VAL A 201 16.94 -1.02 1.02
N ARG A 202 16.88 -0.31 -0.13
CA ARG A 202 17.42 -0.84 -1.38
C ARG A 202 18.93 -0.74 -1.42
N ALA A 203 19.48 0.28 -0.79
CA ALA A 203 20.92 0.48 -0.71
C ALA A 203 21.18 1.36 0.49
N ALA A 204 22.42 1.31 0.96
CA ALA A 204 23.00 2.31 1.84
C ALA A 204 24.30 2.76 1.19
N LEU A 205 24.31 3.95 0.61
CA LEU A 205 25.51 4.38 -0.09
C LEU A 205 26.59 4.82 0.91
N PRO A 206 27.81 4.34 0.79
CA PRO A 206 28.86 4.76 1.74
C PRO A 206 29.09 6.26 1.64
N ALA A 207 29.36 6.86 2.80
CA ALA A 207 29.74 8.26 2.87
C ALA A 207 30.84 8.58 1.87
N GLY A 208 30.71 9.72 1.20
CA GLY A 208 31.74 10.14 0.26
C GLY A 208 31.70 9.43 -1.08
N ALA A 209 30.59 8.79 -1.41
CA ALA A 209 30.45 8.23 -2.76
C ALA A 209 30.68 9.28 -3.82
N ALA A 210 30.22 10.51 -3.58
CA ALA A 210 30.29 11.52 -4.64
C ALA A 210 31.72 11.90 -5.01
N SER A 211 32.73 11.48 -4.25
CA SER A 211 34.10 11.79 -4.58
C SER A 211 34.83 10.67 -5.32
N LEU A 212 34.30 9.44 -5.30
CA LEU A 212 34.86 8.31 -6.06
C LEU A 212 35.04 8.65 -7.52
N ASP A 213 35.97 7.98 -8.19
CA ASP A 213 36.11 8.13 -9.62
C ASP A 213 35.15 7.18 -10.34
N ALA A 214 35.03 7.36 -11.64
CA ALA A 214 34.03 6.62 -12.39
C ALA A 214 34.21 5.13 -12.21
N GLY A 215 35.47 4.67 -12.23
CA GLY A 215 35.73 3.26 -12.00
C GLY A 215 35.22 2.78 -10.66
N ASP A 216 35.57 3.50 -9.59
CA ASP A 216 35.15 3.08 -8.26
C ASP A 216 33.68 3.36 -8.00
N PHE A 217 33.14 4.44 -8.57
CA PHE A 217 31.72 4.69 -8.43
C PHE A 217 30.91 3.54 -9.01
N ALA A 218 31.32 3.03 -10.18
CA ALA A 218 30.61 1.90 -10.77
C ALA A 218 30.74 0.63 -9.91
N ALA A 219 31.91 0.40 -9.32
CA ALA A 219 32.07 -0.75 -8.43
C ALA A 219 31.16 -0.61 -7.21
N MET A 220 31.25 0.55 -6.53
CA MET A 220 30.36 0.82 -5.40
C MET A 220 28.90 0.63 -5.79
N SER A 221 28.50 1.23 -6.92
CA SER A 221 27.11 1.16 -7.38
C SER A 221 26.67 -0.27 -7.59
N ALA A 222 27.48 -1.07 -8.30
CA ALA A 222 27.11 -2.46 -8.56
C ALA A 222 26.96 -3.24 -7.26
N ALA A 223 27.74 -2.89 -6.23
CA ALA A 223 27.63 -3.60 -4.96
C ALA A 223 26.49 -3.09 -4.10
N ALA A 224 26.09 -1.82 -4.27
CA ALA A 224 25.17 -1.19 -3.33
C ALA A 224 23.73 -1.68 -3.46
N PHE A 225 23.27 -2.01 -4.67
CA PHE A 225 21.92 -2.52 -4.90
C PHE A 225 21.93 -4.00 -5.23
N ASP A 226 20.85 -4.67 -4.87
CA ASP A 226 20.63 -6.04 -5.33
C ASP A 226 20.37 -6.02 -6.82
N ARG A 227 21.18 -6.76 -7.58
CA ARG A 227 21.06 -6.77 -9.02
C ARG A 227 19.70 -7.25 -9.46
N ASN A 228 19.13 -8.20 -8.73
CA ASN A 228 17.84 -8.71 -9.15
C ASN A 228 16.73 -7.68 -8.92
N TRP A 229 16.93 -6.75 -7.96
CA TRP A 229 15.94 -5.68 -7.81
C TRP A 229 16.09 -4.66 -8.92
N VAL A 230 17.34 -4.27 -9.22
CA VAL A 230 17.60 -3.35 -10.33
C VAL A 230 17.02 -3.88 -11.64
N ALA A 231 17.33 -5.14 -11.98
CA ALA A 231 16.86 -5.68 -13.25
C ALA A 231 15.33 -5.80 -13.28
N GLY A 232 14.72 -6.10 -12.15
CA GLY A 232 13.27 -6.22 -12.11
C GLY A 232 12.52 -4.92 -12.24
N LEU A 233 13.23 -3.79 -12.35
CA LEU A 233 12.56 -2.50 -12.49
C LEU A 233 11.99 -2.32 -13.87
N VAL A 234 12.58 -2.97 -14.86
CA VAL A 234 12.40 -2.66 -16.27
C VAL A 234 12.18 -3.95 -17.06
N GLY A 235 10.99 -4.09 -17.63
CA GLY A 235 10.72 -5.23 -18.48
C GLY A 235 11.58 -5.37 -19.72
N GLY B 9 -15.16 19.80 28.93
CA GLY B 9 -13.77 20.02 29.32
C GLY B 9 -13.32 21.42 29.02
N GLY B 10 -12.00 21.63 28.92
CA GLY B 10 -11.43 22.91 28.53
C GLY B 10 -10.78 22.86 27.16
N THR B 11 -9.63 23.52 26.97
CA THR B 11 -8.90 23.49 25.71
C THR B 11 -7.64 22.66 25.86
N ILE B 12 -7.46 21.70 24.95
CA ILE B 12 -6.30 20.84 24.92
C ILE B 12 -5.61 21.06 23.58
N LEU B 13 -4.30 21.31 23.61
CA LEU B 13 -3.48 21.48 22.43
C LEU B 13 -2.26 20.59 22.55
N VAL B 14 -2.07 19.70 21.60
CA VAL B 14 -0.75 19.10 21.49
C VAL B 14 0.16 20.13 20.82
N VAL B 15 1.42 20.16 21.25
CA VAL B 15 2.43 21.02 20.66
C VAL B 15 3.44 20.07 20.02
N THR B 16 3.34 19.91 18.71
CA THR B 16 4.22 19.03 17.97
C THR B 16 5.25 19.89 17.25
N GLY B 17 6.03 19.26 16.38
CA GLY B 17 7.07 19.95 15.66
C GLY B 17 7.38 19.21 14.37
N THR B 18 7.98 19.94 13.44
CA THR B 18 8.50 19.34 12.23
C THR B 18 9.70 18.45 12.49
N GLY B 19 10.22 18.42 13.70
CA GLY B 19 11.35 17.55 13.97
C GLY B 19 11.76 17.55 15.42
N THR B 20 13.03 17.24 15.63
CA THR B 20 13.63 17.13 16.96
C THR B 20 14.39 18.41 17.27
N GLY B 21 14.21 18.92 18.48
CA GLY B 21 14.90 20.14 18.88
C GLY B 21 14.58 21.33 18.00
N VAL B 22 13.31 21.51 17.66
CA VAL B 22 12.90 22.70 16.91
C VAL B 22 12.36 23.77 17.81
N GLY B 23 12.19 23.49 19.10
CA GLY B 23 11.71 24.48 20.04
C GLY B 23 10.40 24.14 20.71
N LYS B 24 9.94 22.87 20.62
CA LYS B 24 8.63 22.51 21.18
C LYS B 24 8.51 22.92 22.64
N THR B 25 9.53 22.63 23.45
CA THR B 25 9.43 22.91 24.88
C THR B 25 9.42 24.41 25.15
N VAL B 26 10.30 25.17 24.47
CA VAL B 26 10.33 26.61 24.75
C VAL B 26 9.04 27.26 24.26
N VAL B 27 8.38 26.65 23.27
CA VAL B 27 7.09 27.16 22.79
C VAL B 27 5.97 26.83 23.79
N CYS B 28 5.96 25.63 24.38
CA CYS B 28 5.03 25.35 25.47
C CYS B 28 5.19 26.36 26.60
N ALA B 29 6.43 26.57 27.06
CA ALA B 29 6.69 27.58 28.08
C ALA B 29 6.14 28.94 27.64
N ALA B 30 6.46 29.37 26.43
CA ALA B 30 6.05 30.70 25.98
C ALA B 30 4.54 30.84 25.94
N LEU B 31 3.83 29.84 25.42
CA LEU B 31 2.37 29.93 25.39
C LEU B 31 1.80 29.81 26.79
N ALA B 32 2.35 28.91 27.60
CA ALA B 32 1.92 28.81 29.00
C ALA B 32 2.07 30.16 29.68
N SER B 33 3.22 30.80 29.50
CA SER B 33 3.48 32.09 30.13
C SER B 33 2.49 33.16 29.67
N ALA B 34 2.22 33.22 28.38
CA ALA B 34 1.29 34.24 27.92
C ALA B 34 -0.12 33.94 28.42
N ALA B 35 -0.52 32.67 28.39
CA ALA B 35 -1.84 32.29 28.89
C ALA B 35 -1.99 32.66 30.36
N ARG B 36 -1.01 32.29 31.20
CA ARG B 36 -1.08 32.65 32.62
C ARG B 36 -1.19 34.15 32.81
N GLN B 37 -0.39 34.93 32.07
CA GLN B 37 -0.48 36.38 32.19
C GLN B 37 -1.83 36.90 31.76
N ALA B 38 -2.53 36.17 30.90
CA ALA B 38 -3.91 36.49 30.53
C ALA B 38 -4.92 35.93 31.53
N GLY B 39 -4.47 35.40 32.66
CA GLY B 39 -5.41 34.89 33.63
C GLY B 39 -5.96 33.51 33.35
N ILE B 40 -5.35 32.76 32.44
CA ILE B 40 -5.80 31.40 32.16
C ILE B 40 -5.00 30.42 33.00
N ASP B 41 -5.70 29.44 33.58
CA ASP B 41 -5.04 28.33 34.25
C ASP B 41 -4.39 27.39 33.22
N VAL B 42 -3.14 26.98 33.49
CA VAL B 42 -2.32 26.24 32.53
C VAL B 42 -1.80 24.95 33.14
N ALA B 43 -1.95 23.83 32.42
CA ALA B 43 -1.26 22.59 32.72
C ALA B 43 -0.45 22.14 31.50
N VAL B 44 0.62 21.38 31.74
CA VAL B 44 1.49 20.88 30.68
C VAL B 44 1.83 19.42 30.96
N CYS B 45 1.65 18.56 29.97
CA CYS B 45 1.89 17.13 30.09
C CYS B 45 2.98 16.72 29.12
N LYS B 46 3.99 16.03 29.63
CA LYS B 46 5.08 15.44 28.84
C LYS B 46 5.13 13.99 29.29
N PRO B 47 4.33 13.12 28.66
CA PRO B 47 4.21 11.73 29.14
C PRO B 47 5.51 10.94 29.16
N VAL B 48 6.38 11.13 28.18
CA VAL B 48 7.63 10.37 28.12
C VAL B 48 8.77 11.36 28.00
N GLN B 49 9.67 11.33 28.98
CA GLN B 49 10.90 12.12 28.95
C GLN B 49 12.08 11.15 28.83
N THR B 50 12.97 11.41 27.87
CA THR B 50 14.19 10.64 27.74
C THR B 50 15.40 11.55 27.98
N GLY B 51 16.59 10.95 27.90
CA GLY B 51 17.81 11.67 28.23
C GLY B 51 17.91 12.15 29.65
N THR B 52 17.33 11.42 30.60
CA THR B 52 17.36 11.92 31.98
C THR B 52 18.73 11.73 32.62
N ALA B 53 19.57 10.84 32.08
CA ALA B 53 20.91 10.67 32.65
C ALA B 53 21.70 11.96 32.57
N ARG B 54 21.58 12.68 31.45
CA ARG B 54 22.19 13.99 31.31
C ARG B 54 21.27 15.11 31.76
N GLY B 55 20.21 14.78 32.48
CA GLY B 55 19.36 15.80 33.08
C GLY B 55 18.39 16.48 32.15
N ASP B 56 17.96 15.83 31.07
CA ASP B 56 16.89 16.42 30.27
C ASP B 56 15.59 16.35 31.06
N ASP B 57 14.84 17.44 31.03
CA ASP B 57 13.59 17.53 31.80
C ASP B 57 12.77 18.69 31.27
N ASP B 58 11.94 18.43 30.25
CA ASP B 58 11.21 19.51 29.61
C ASP B 58 10.19 20.13 30.56
N LEU B 59 9.60 19.35 31.47
CA LEU B 59 8.65 19.93 32.41
C LEU B 59 9.32 20.92 33.35
N ALA B 60 10.54 20.60 33.80
CA ALA B 60 11.31 21.53 34.62
C ALA B 60 11.54 22.86 33.90
N GLU B 61 11.84 22.82 32.60
N GLU B 61 11.88 22.81 32.61
CA GLU B 61 12.02 24.06 31.87
CA GLU B 61 12.02 24.04 31.82
C GLU B 61 10.72 24.86 31.77
C GLU B 61 10.73 24.84 31.82
N VAL B 62 9.58 24.18 31.60
CA VAL B 62 8.31 24.89 31.58
C VAL B 62 7.99 25.46 32.96
N GLY B 63 8.17 24.66 34.01
CA GLY B 63 7.93 25.17 35.36
C GLY B 63 8.78 26.38 35.66
N ARG B 64 10.05 26.38 35.22
CA ARG B 64 10.95 27.47 35.55
C ARG B 64 10.73 28.71 34.67
N LEU B 65 10.46 28.50 33.38
CA LEU B 65 10.33 29.65 32.49
C LEU B 65 8.97 30.33 32.65
N ALA B 66 7.89 29.54 32.73
CA ALA B 66 6.55 30.11 32.73
C ALA B 66 5.84 30.04 34.08
N GLY B 67 6.37 29.30 35.05
CA GLY B 67 5.77 29.25 36.38
C GLY B 67 4.73 28.17 36.60
N VAL B 68 4.44 27.36 35.57
CA VAL B 68 3.44 26.30 35.70
C VAL B 68 3.79 25.32 36.82
N THR B 69 2.76 24.89 37.57
CA THR B 69 2.89 23.88 38.60
C THR B 69 2.22 22.57 38.26
N GLN B 70 1.16 22.57 37.47
CA GLN B 70 0.51 21.32 37.09
C GLN B 70 1.28 20.78 35.89
N LEU B 71 2.22 19.87 36.19
CA LEU B 71 3.17 19.32 35.24
C LEU B 71 3.16 17.81 35.45
N ALA B 72 2.63 17.07 34.46
CA ALA B 72 2.41 15.63 34.57
C ALA B 72 3.31 14.87 33.62
N GLY B 73 3.87 13.75 34.09
CA GLY B 73 4.60 12.85 33.23
C GLY B 73 4.40 11.42 33.71
N LEU B 74 4.70 10.48 32.85
CA LEU B 74 4.51 9.07 33.18
C LEU B 74 5.80 8.23 33.17
N ALA B 75 6.80 8.63 32.39
CA ALA B 75 7.97 7.77 32.25
C ALA B 75 9.23 8.59 31.99
N ARG B 76 10.37 8.06 32.46
CA ARG B 76 11.66 8.73 32.38
C ARG B 76 12.70 7.66 32.06
N TYR B 77 13.30 7.75 30.87
CA TYR B 77 14.30 6.82 30.34
C TYR B 77 15.66 7.50 30.29
N PRO B 78 16.70 6.87 30.82
CA PRO B 78 17.98 7.59 30.96
C PRO B 78 18.68 7.90 29.64
N GLN B 79 18.62 7.01 28.65
CA GLN B 79 19.35 7.23 27.42
C GLN B 79 18.80 8.42 26.63
N PRO B 80 19.66 9.14 25.94
CA PRO B 80 19.23 10.24 25.06
C PRO B 80 18.82 9.77 23.68
N MET B 81 17.79 8.94 23.61
CA MET B 81 17.29 8.37 22.37
C MET B 81 15.81 8.68 22.26
N ALA B 82 15.24 8.40 21.08
CA ALA B 82 13.79 8.51 20.95
C ALA B 82 13.11 7.55 21.92
N PRO B 83 11.88 7.85 22.34
CA PRO B 83 11.21 7.00 23.35
C PRO B 83 11.30 5.49 23.11
N ALA B 84 11.05 5.01 21.89
CA ALA B 84 11.05 3.56 21.68
C ALA B 84 12.45 2.96 21.78
N ALA B 85 13.46 3.63 21.21
CA ALA B 85 14.81 3.09 21.34
C ALA B 85 15.31 3.18 22.77
N ALA B 86 15.00 4.26 23.46
CA ALA B 86 15.42 4.38 24.86
C ALA B 86 14.78 3.29 25.70
N ALA B 87 13.52 2.96 25.39
CA ALA B 87 12.82 1.93 26.13
C ALA B 87 13.35 0.56 25.76
N GLU B 88 13.69 0.36 24.48
CA GLU B 88 14.34 -0.88 24.06
C GLU B 88 15.68 -1.04 24.75
N HIS B 89 16.44 0.04 24.86
CA HIS B 89 17.72 -0.04 25.56
C HIS B 89 17.51 -0.43 27.01
N ALA B 90 16.58 0.25 27.70
CA ALA B 90 16.33 -0.04 29.10
C ALA B 90 15.73 -1.42 29.31
N GLY B 91 15.12 -2.01 28.28
CA GLY B 91 14.38 -3.23 28.49
C GLY B 91 13.07 -3.04 29.21
N MET B 92 12.54 -1.82 29.23
CA MET B 92 11.28 -1.52 29.89
C MET B 92 10.36 -0.82 28.89
N ALA B 93 9.17 -1.35 28.72
CA ALA B 93 8.25 -0.86 27.70
C ALA B 93 7.79 0.56 28.01
N LEU B 94 7.59 1.34 26.95
CA LEU B 94 6.84 2.59 27.01
C LEU B 94 5.49 2.41 27.69
N PRO B 95 4.90 3.47 28.25
CA PRO B 95 3.52 3.40 28.72
C PRO B 95 2.57 2.99 27.59
N ALA B 96 1.32 2.71 27.98
CA ALA B 96 0.30 2.32 27.03
C ALA B 96 -0.54 3.52 26.63
N ARG B 97 -1.23 3.37 25.49
CA ARG B 97 -2.03 4.45 24.94
C ARG B 97 -3.04 4.98 25.95
N ASP B 98 -3.72 4.09 26.66
CA ASP B 98 -4.75 4.52 27.59
C ASP B 98 -4.17 5.34 28.74
N GLN B 99 -3.06 4.88 29.32
CA GLN B 99 -2.36 5.64 30.36
C GLN B 99 -2.20 7.11 29.99
N ILE B 100 -1.60 7.34 28.81
CA ILE B 100 -1.33 8.71 28.38
C ILE B 100 -2.62 9.47 28.18
N VAL B 101 -3.59 8.84 27.51
CA VAL B 101 -4.83 9.53 27.17
C VAL B 101 -5.61 9.87 28.43
N ARG B 102 -5.66 8.94 29.39
CA ARG B 102 -6.41 9.24 30.61
C ARG B 102 -5.71 10.28 31.47
N LEU B 103 -4.38 10.31 31.45
CA LEU B 103 -3.67 11.35 32.19
C LEU B 103 -4.06 12.73 31.69
N ILE B 104 -4.01 12.91 30.37
CA ILE B 104 -4.40 14.20 29.77
C ILE B 104 -5.86 14.52 30.05
N ALA B 105 -6.73 13.51 29.94
CA ALA B 105 -8.16 13.73 30.17
C ALA B 105 -8.44 14.07 31.63
N ASP B 106 -7.66 13.53 32.57
CA ASP B 106 -7.81 13.92 33.97
C ASP B 106 -7.32 15.33 34.23
N LEU B 107 -6.31 15.79 33.47
CA LEU B 107 -5.79 17.15 33.63
C LEU B 107 -6.78 18.17 33.11
N ASP B 108 -7.44 17.85 32.01
CA ASP B 108 -8.27 18.81 31.32
C ASP B 108 -9.46 19.19 32.19
N ARG B 109 -9.76 20.48 32.24
CA ARG B 109 -10.94 20.98 32.93
C ARG B 109 -11.35 22.29 32.29
N PRO B 110 -12.59 22.72 32.47
CA PRO B 110 -13.01 24.02 31.93
C PRO B 110 -12.17 25.14 32.51
N GLY B 111 -11.95 26.16 31.69
CA GLY B 111 -11.07 27.25 32.05
C GLY B 111 -9.60 26.94 31.96
N ARG B 112 -9.22 25.69 31.65
CA ARG B 112 -7.82 25.29 31.65
C ARG B 112 -7.30 25.16 30.23
N LEU B 113 -6.15 25.76 29.97
CA LEU B 113 -5.35 25.42 28.81
C LEU B 113 -4.40 24.30 29.22
N THR B 114 -4.56 23.13 28.60
CA THR B 114 -3.68 21.99 28.82
C THR B 114 -2.86 21.75 27.57
N LEU B 115 -1.53 21.92 27.68
CA LEU B 115 -0.61 21.65 26.59
C LEU B 115 0.05 20.27 26.77
N VAL B 116 0.21 19.53 25.66
CA VAL B 116 0.80 18.19 25.64
C VAL B 116 2.00 18.19 24.70
N GLU B 117 3.16 17.79 25.20
CA GLU B 117 4.37 17.65 24.39
C GLU B 117 4.76 16.18 24.30
N GLY B 118 4.95 15.70 23.07
CA GLY B 118 5.50 14.36 22.88
C GLY B 118 7.01 14.38 22.82
N ALA B 119 7.60 13.78 21.78
CA ALA B 119 9.03 13.82 21.56
C ALA B 119 9.31 13.82 20.06
N GLY B 120 10.30 14.62 19.67
CA GLY B 120 10.61 14.79 18.26
C GLY B 120 9.39 15.21 17.48
N GLY B 121 9.21 14.59 16.31
CA GLY B 121 8.16 14.97 15.40
C GLY B 121 6.86 14.20 15.62
N LEU B 122 5.89 14.54 14.78
CA LEU B 122 4.51 14.14 15.01
C LEU B 122 4.36 12.62 15.05
N LEU B 123 5.15 11.89 14.28
CA LEU B 123 4.95 10.45 14.13
C LEU B 123 5.92 9.59 14.93
N VAL B 124 6.72 10.15 15.83
CA VAL B 124 7.59 9.23 16.56
C VAL B 124 6.75 8.49 17.59
N GLU B 125 7.20 7.29 17.94
CA GLU B 125 6.39 6.41 18.79
C GLU B 125 6.47 6.90 20.24
N LEU B 126 5.31 7.25 20.80
CA LEU B 126 5.18 7.69 22.18
C LEU B 126 4.71 6.60 23.12
N ALA B 127 3.90 5.64 22.64
CA ALA B 127 3.44 4.60 23.51
C ALA B 127 3.41 3.27 22.76
N GLU B 128 3.63 2.18 23.48
N GLU B 128 3.59 2.20 23.54
CA GLU B 128 3.48 0.88 22.85
CA GLU B 128 3.32 0.83 23.08
C GLU B 128 2.00 0.59 22.63
C GLU B 128 1.88 0.71 22.60
N PRO B 129 1.63 0.03 21.48
CA PRO B 129 2.58 -0.32 20.42
C PRO B 129 2.42 0.63 19.24
N GLY B 130 3.45 1.42 18.93
CA GLY B 130 3.43 2.29 17.78
C GLY B 130 2.45 3.46 17.80
N VAL B 131 1.90 3.81 18.95
CA VAL B 131 0.94 4.91 18.99
C VAL B 131 1.70 6.23 19.08
N THR B 132 1.20 7.25 18.41
CA THR B 132 1.91 8.51 18.26
C THR B 132 1.20 9.62 19.03
N LEU B 133 1.82 10.80 19.01
CA LEU B 133 1.16 12.02 19.46
C LEU B 133 -0.08 12.35 18.62
N ARG B 134 -0.08 11.94 17.35
CA ARG B 134 -1.29 12.16 16.55
C ARG B 134 -2.42 11.27 17.04
N ASP B 135 -2.14 10.04 17.42
CA ASP B 135 -3.16 9.17 17.98
C ASP B 135 -3.71 9.74 19.28
N VAL B 136 -2.83 10.23 20.15
CA VAL B 136 -3.26 10.81 21.41
C VAL B 136 -4.16 12.02 21.15
N ALA B 137 -3.74 12.89 20.23
CA ALA B 137 -4.55 14.05 19.89
C ALA B 137 -5.94 13.64 19.46
N VAL B 138 -6.03 12.54 18.68
CA VAL B 138 -7.33 12.07 18.22
C VAL B 138 -8.18 11.64 19.41
N ASP B 139 -7.61 10.79 20.27
CA ASP B 139 -8.36 10.26 21.41
C ASP B 139 -8.86 11.35 22.36
N VAL B 140 -8.13 12.46 22.54
CA VAL B 140 -8.58 13.54 23.44
C VAL B 140 -9.14 14.74 22.69
N ALA B 141 -9.31 14.63 21.37
CA ALA B 141 -9.86 15.71 20.55
C ALA B 141 -9.09 17.03 20.73
N ALA B 142 -7.77 16.95 20.63
CA ALA B 142 -6.97 18.16 20.70
C ALA B 142 -6.73 18.72 19.32
N ALA B 143 -6.51 20.03 19.26
CA ALA B 143 -5.90 20.66 18.10
C ALA B 143 -4.38 20.64 18.25
N ALA B 144 -3.67 21.00 17.18
CA ALA B 144 -2.22 20.91 17.17
C ALA B 144 -1.59 22.25 16.83
N LEU B 145 -0.65 22.67 17.67
CA LEU B 145 0.26 23.76 17.34
C LEU B 145 1.53 23.13 16.79
N VAL B 146 2.03 23.65 15.67
CA VAL B 146 3.16 23.06 14.99
C VAL B 146 4.33 24.03 15.08
N VAL B 147 5.38 23.61 15.79
CA VAL B 147 6.59 24.39 15.93
C VAL B 147 7.50 24.06 14.75
N VAL B 148 8.03 25.09 14.10
CA VAL B 148 8.81 24.94 12.88
C VAL B 148 10.12 25.72 13.00
N THR B 149 11.06 25.41 12.11
CA THR B 149 12.20 26.28 11.85
C THR B 149 11.84 27.29 10.76
N ALA B 150 12.71 28.30 10.59
CA ALA B 150 12.68 29.14 9.41
C ALA B 150 13.87 28.85 8.50
N ASP B 151 14.50 27.70 8.68
CA ASP B 151 15.68 27.28 7.93
C ASP B 151 15.31 26.43 6.72
N LEU B 152 16.29 26.28 5.84
CA LEU B 152 16.17 25.44 4.66
C LEU B 152 15.54 24.10 5.00
N GLY B 153 14.53 23.72 4.21
CA GLY B 153 13.81 22.47 4.40
C GLY B 153 12.47 22.61 5.13
N THR B 154 12.18 23.77 5.71
CA THR B 154 11.06 23.86 6.65
C THR B 154 9.72 23.74 5.96
N LEU B 155 9.59 24.24 4.74
CA LEU B 155 8.28 24.23 4.08
C LEU B 155 7.84 22.80 3.80
N ASN B 156 8.74 21.97 3.28
CA ASN B 156 8.43 20.57 3.04
C ASN B 156 8.02 19.86 4.34
N HIS B 157 8.87 19.93 5.36
CA HIS B 157 8.52 19.33 6.65
C HIS B 157 7.23 19.90 7.23
N THR B 158 7.01 21.21 7.11
CA THR B 158 5.75 21.78 7.61
C THR B 158 4.57 21.22 6.85
N LYS B 159 4.67 21.17 5.52
CA LYS B 159 3.55 20.67 4.73
C LYS B 159 3.28 19.20 5.02
N LEU B 160 4.34 18.38 5.14
CA LEU B 160 4.15 16.97 5.46
C LEU B 160 3.47 16.80 6.82
N THR B 161 3.80 17.65 7.79
CA THR B 161 3.22 17.50 9.12
C THR B 161 1.76 17.95 9.10
N LEU B 162 1.48 19.03 8.37
CA LEU B 162 0.12 19.54 8.27
C LEU B 162 -0.81 18.57 7.54
N GLU B 163 -0.30 17.86 6.52
N GLU B 163 -0.30 17.84 6.54
CA GLU B 163 -1.11 16.85 5.86
CA GLU B 163 -1.11 16.84 5.85
C GLU B 163 -1.40 15.68 6.80
C GLU B 163 -1.38 15.64 6.75
N ALA B 164 -0.41 15.26 7.58
CA ALA B 164 -0.61 14.14 8.48
C ALA B 164 -1.65 14.46 9.54
N LEU B 165 -1.70 15.72 9.98
CA LEU B 165 -2.72 16.15 10.93
C LEU B 165 -4.09 16.13 10.29
N ALA B 166 -4.22 16.75 9.11
CA ALA B 166 -5.51 16.80 8.44
C ALA B 166 -6.02 15.40 8.09
N ALA B 167 -5.11 14.45 7.86
CA ALA B 167 -5.52 13.09 7.53
C ALA B 167 -6.28 12.39 8.66
N GLN B 168 -6.11 12.83 9.90
CA GLN B 168 -6.93 12.32 11.02
C GLN B 168 -7.79 13.42 11.63
N GLN B 169 -8.09 14.47 10.87
CA GLN B 169 -8.95 15.57 11.30
C GLN B 169 -8.45 16.27 12.56
N VAL B 170 -7.15 16.18 12.85
CA VAL B 170 -6.57 16.97 13.93
C VAL B 170 -6.39 18.39 13.40
N SER B 171 -7.10 19.32 14.02
CA SER B 171 -7.08 20.72 13.59
C SER B 171 -5.73 21.35 13.88
N CYS B 172 -5.34 22.30 13.03
CA CYS B 172 -4.11 23.04 13.19
C CYS B 172 -4.44 24.40 13.78
N ALA B 173 -3.92 24.66 14.97
CA ALA B 173 -4.17 25.90 15.69
C ALA B 173 -3.22 27.03 15.29
N GLY B 174 -2.24 26.74 14.44
CA GLY B 174 -1.22 27.71 14.10
C GLY B 174 0.17 27.13 14.02
N LEU B 175 1.11 27.94 13.55
CA LEU B 175 2.53 27.64 13.57
C LEU B 175 3.23 28.54 14.57
N VAL B 176 4.36 28.07 15.09
CA VAL B 176 5.29 28.89 15.84
C VAL B 176 6.69 28.60 15.31
N ILE B 177 7.44 29.64 14.99
CA ILE B 177 8.85 29.49 14.69
C ILE B 177 9.57 29.45 16.03
N GLY B 178 10.11 28.28 16.38
CA GLY B 178 10.67 28.06 17.70
C GLY B 178 11.92 28.84 17.99
N SER B 179 12.62 29.29 16.96
CA SER B 179 13.88 30.01 17.11
C SER B 179 14.01 30.92 15.90
N TRP B 180 13.89 32.22 16.13
CA TRP B 180 13.93 33.21 15.06
C TRP B 180 15.26 33.93 15.14
N PRO B 181 16.04 33.92 14.06
CA PRO B 181 17.43 34.39 14.14
C PRO B 181 17.52 35.91 14.12
N ASP B 182 18.65 36.40 14.61
CA ASP B 182 18.93 37.83 14.64
C ASP B 182 20.18 38.17 13.85
N PRO B 183 20.10 39.04 12.83
CA PRO B 183 18.82 39.47 12.25
C PRO B 183 18.39 38.37 11.29
N PRO B 184 17.13 38.37 10.79
CA PRO B 184 16.63 37.20 10.04
C PRO B 184 17.62 36.65 9.02
N GLY B 185 17.93 37.44 7.99
CA GLY B 185 18.71 36.92 6.89
C GLY B 185 17.81 36.44 5.76
N LEU B 186 18.46 36.03 4.67
CA LEU B 186 17.74 35.92 3.40
C LEU B 186 16.82 34.70 3.39
N VAL B 187 17.31 33.54 3.83
CA VAL B 187 16.48 32.34 3.82
C VAL B 187 15.37 32.47 4.85
N ALA B 188 15.73 32.87 6.07
CA ALA B 188 14.77 32.96 7.17
C ALA B 188 13.65 33.93 6.83
N ALA B 189 13.98 35.04 6.16
CA ALA B 189 12.95 35.99 5.77
C ALA B 189 12.03 35.39 4.71
N SER B 190 12.61 34.71 3.72
CA SER B 190 11.79 34.06 2.71
C SER B 190 10.95 32.93 3.31
N ASN B 191 11.54 32.15 4.22
CA ASN B 191 10.80 31.03 4.81
C ASN B 191 9.64 31.50 5.69
N ARG B 192 9.82 32.58 6.47
CA ARG B 192 8.71 33.05 7.29
C ARG B 192 7.54 33.52 6.43
N SER B 193 7.82 34.26 5.35
N SER B 193 7.82 34.25 5.34
CA SER B 193 6.75 34.73 4.47
CA SER B 193 6.74 34.73 4.48
C SER B 193 5.97 33.56 3.87
C SER B 193 5.97 33.57 3.84
N ALA B 194 6.67 32.49 3.49
CA ALA B 194 6.01 31.37 2.85
C ALA B 194 5.22 30.53 3.86
N LEU B 195 5.76 30.32 5.05
CA LEU B 195 4.97 29.67 6.11
C LEU B 195 3.69 30.46 6.38
N ALA B 196 3.80 31.78 6.43
CA ALA B 196 2.62 32.62 6.64
C ALA B 196 1.59 32.45 5.53
N ARG B 197 1.97 31.91 4.37
CA ARG B 197 1.01 31.70 3.29
C ARG B 197 0.22 30.41 3.48
N ILE B 198 0.71 29.48 4.29
CA ILE B 198 0.09 28.18 4.44
C ILE B 198 -0.56 27.97 5.80
N ALA B 199 -0.31 28.85 6.77
CA ALA B 199 -0.95 28.80 8.08
C ALA B 199 -0.56 30.04 8.86
N MET B 200 -1.34 30.35 9.89
CA MET B 200 -1.05 31.51 10.72
C MET B 200 0.21 31.29 11.55
N VAL B 201 1.08 32.29 11.59
CA VAL B 201 2.28 32.23 12.42
C VAL B 201 1.90 32.91 13.73
N ARG B 202 1.62 32.11 14.76
CA ARG B 202 1.22 32.71 16.03
C ARG B 202 2.36 33.49 16.66
N ALA B 203 3.60 33.02 16.48
CA ALA B 203 4.70 33.66 17.16
C ALA B 203 5.99 33.20 16.51
N ALA B 204 7.06 33.96 16.77
CA ALA B 204 8.40 33.61 16.33
C ALA B 204 9.31 33.96 17.49
N LEU B 205 9.63 32.96 18.30
CA LEU B 205 10.40 33.21 19.52
C LEU B 205 11.84 33.56 19.16
N PRO B 206 12.39 34.65 19.70
CA PRO B 206 13.78 35.00 19.39
C PRO B 206 14.74 33.93 19.87
N ALA B 207 15.83 33.77 19.13
CA ALA B 207 16.79 32.72 19.41
C ALA B 207 17.46 32.94 20.77
N GLY B 208 17.62 31.84 21.53
CA GLY B 208 18.15 31.88 22.88
C GLY B 208 17.15 32.15 23.99
N ALA B 209 15.86 32.29 23.67
CA ALA B 209 14.85 32.65 24.67
C ALA B 209 14.80 31.65 25.84
N ALA B 210 15.11 30.39 25.58
CA ALA B 210 14.98 29.36 26.61
C ALA B 210 16.02 29.50 27.69
N SER B 211 17.00 30.40 27.53
CA SER B 211 17.98 30.68 28.57
C SER B 211 17.65 31.94 29.35
N LEU B 212 16.55 32.61 29.05
CA LEU B 212 16.15 33.79 29.80
C LEU B 212 15.71 33.43 31.21
N ASP B 213 15.87 34.37 32.15
CA ASP B 213 15.26 34.14 33.43
C ASP B 213 13.75 34.38 33.32
N ALA B 214 13.03 33.96 34.37
CA ALA B 214 11.58 33.87 34.32
C ALA B 214 10.96 35.24 34.06
N GLY B 215 11.54 36.29 34.63
CA GLY B 215 11.01 37.63 34.38
C GLY B 215 11.11 38.04 32.92
N ASP B 216 12.31 37.92 32.35
CA ASP B 216 12.48 38.24 30.93
C ASP B 216 11.64 37.32 30.05
N PHE B 217 11.57 36.04 30.40
CA PHE B 217 10.79 35.10 29.58
C PHE B 217 9.33 35.51 29.54
N ALA B 218 8.80 36.00 30.67
CA ALA B 218 7.39 36.37 30.74
C ALA B 218 7.09 37.58 29.87
N ALA B 219 7.93 38.60 29.94
CA ALA B 219 7.74 39.78 29.10
C ALA B 219 7.90 39.44 27.63
N MET B 220 8.94 38.66 27.30
CA MET B 220 9.09 38.17 25.94
C MET B 220 7.87 37.38 25.49
N SER B 221 7.33 36.54 26.38
CA SER B 221 6.20 35.68 26.01
C SER B 221 4.93 36.48 25.76
N ALA B 222 4.67 37.50 26.58
CA ALA B 222 3.46 38.28 26.39
C ALA B 222 3.54 39.18 25.17
N ALA B 223 4.75 39.48 24.70
CA ALA B 223 4.91 40.27 23.48
C ALA B 223 4.94 39.41 22.23
N ALA B 224 5.24 38.11 22.36
CA ALA B 224 5.42 37.23 21.21
C ALA B 224 4.09 36.77 20.60
N PHE B 225 3.06 36.58 21.40
CA PHE B 225 1.77 36.13 20.91
C PHE B 225 0.78 37.29 20.84
N ASP B 226 -0.28 37.09 20.07
CA ASP B 226 -1.32 38.11 19.93
C ASP B 226 -2.28 38.01 21.12
N ARG B 227 -2.38 39.12 21.86
CA ARG B 227 -3.21 39.17 23.06
C ARG B 227 -4.56 38.50 22.89
N ASN B 228 -5.27 38.81 21.81
CA ASN B 228 -6.62 38.30 21.65
C ASN B 228 -6.64 36.81 21.33
N TRP B 229 -5.70 36.34 20.50
CA TRP B 229 -5.69 34.91 20.18
C TRP B 229 -5.48 34.07 21.44
N VAL B 230 -4.53 34.48 22.29
CA VAL B 230 -4.32 33.79 23.56
C VAL B 230 -5.60 33.86 24.41
N ALA B 231 -6.16 35.06 24.57
CA ALA B 231 -7.38 35.21 25.37
C ALA B 231 -8.49 34.31 24.86
N GLY B 232 -8.63 34.18 23.54
CA GLY B 232 -9.68 33.35 23.00
C GLY B 232 -9.44 31.85 22.99
N LEU B 233 -8.27 31.39 23.43
CA LEU B 233 -7.99 29.96 23.41
C LEU B 233 -8.89 29.19 24.37
N VAL B 234 -9.35 29.83 25.43
CA VAL B 234 -10.17 29.15 26.42
C VAL B 234 -11.46 29.94 26.69
N HIS C 8 17.67 -13.61 10.82
CA HIS C 8 17.31 -13.39 12.21
C HIS C 8 15.83 -13.70 12.46
N GLY C 9 15.50 -13.92 13.73
CA GLY C 9 14.12 -14.18 14.12
C GLY C 9 13.67 -15.60 13.81
N GLY C 10 12.35 -15.76 13.65
CA GLY C 10 11.74 -17.05 13.48
C GLY C 10 11.21 -17.29 12.09
N THR C 11 10.24 -18.21 12.00
CA THR C 11 9.60 -18.56 10.74
C THR C 11 8.18 -18.03 10.73
N ILE C 12 7.92 -17.10 9.82
CA ILE C 12 6.58 -16.56 9.60
C ILE C 12 6.03 -17.16 8.31
N LEU C 13 4.77 -17.56 8.35
CA LEU C 13 4.13 -18.25 7.22
C LEU C 13 2.70 -17.73 7.10
N VAL C 14 2.46 -16.78 6.20
CA VAL C 14 1.09 -16.35 5.96
C VAL C 14 0.33 -17.51 5.32
N VAL C 15 -0.91 -17.68 5.74
CA VAL C 15 -1.78 -18.75 5.26
C VAL C 15 -2.91 -18.05 4.51
N THR C 16 -2.86 -18.09 3.18
CA THR C 16 -3.88 -17.43 2.40
C THR C 16 -4.68 -18.51 1.68
N GLY C 17 -5.52 -18.07 0.76
CA GLY C 17 -6.36 -19.00 0.02
C GLY C 17 -6.94 -18.33 -1.21
N THR C 18 -7.60 -19.15 -2.02
CA THR C 18 -8.26 -18.71 -3.24
C THR C 18 -9.53 -17.90 -2.96
N GLY C 19 -10.01 -17.89 -1.74
CA GLY C 19 -11.19 -17.13 -1.37
C GLY C 19 -11.48 -17.30 0.10
N THR C 20 -12.64 -16.80 0.52
CA THR C 20 -13.06 -17.05 1.89
C THR C 20 -13.77 -18.40 1.93
N GLY C 21 -13.84 -18.99 3.13
CA GLY C 21 -14.56 -20.23 3.29
C GLY C 21 -13.91 -21.43 2.63
N VAL C 22 -12.58 -21.43 2.50
CA VAL C 22 -11.87 -22.50 1.81
C VAL C 22 -11.15 -23.44 2.76
N GLY C 23 -11.03 -23.09 4.03
CA GLY C 23 -10.40 -23.98 4.97
C GLY C 23 -9.12 -23.47 5.60
N LYS C 24 -8.81 -22.17 5.40
CA LYS C 24 -7.58 -21.64 5.96
C LYS C 24 -7.52 -21.87 7.47
N THR C 25 -8.63 -21.63 8.17
CA THR C 25 -8.61 -21.76 9.63
C THR C 25 -8.37 -23.19 10.07
N VAL C 26 -9.08 -24.15 9.47
CA VAL C 26 -8.86 -25.56 9.79
C VAL C 26 -7.47 -26.00 9.33
N VAL C 27 -6.95 -25.38 8.28
CA VAL C 27 -5.57 -25.68 7.89
C VAL C 27 -4.61 -25.09 8.89
N CYS C 28 -4.86 -23.85 9.33
CA CYS C 28 -4.05 -23.26 10.38
C CYS C 28 -4.02 -24.16 11.62
N ALA C 29 -5.19 -24.60 12.07
CA ALA C 29 -5.24 -25.46 13.24
C ALA C 29 -4.57 -26.81 12.99
N ALA C 30 -4.75 -27.37 11.80
CA ALA C 30 -4.19 -28.70 11.54
C ALA C 30 -2.66 -28.69 11.50
N LEU C 31 -2.06 -27.58 11.07
CA LEU C 31 -0.60 -27.50 11.00
C LEU C 31 -0.01 -27.05 12.32
N ALA C 32 -0.72 -26.21 13.07
CA ALA C 32 -0.33 -25.93 14.45
C ALA C 32 -0.32 -27.20 15.27
N SER C 33 -1.25 -28.12 15.00
CA SER C 33 -1.30 -29.39 15.73
C SER C 33 -0.10 -30.25 15.38
N ALA C 34 0.11 -30.52 14.08
CA ALA C 34 1.24 -31.34 13.67
C ALA C 34 2.57 -30.78 14.19
N ALA C 35 2.65 -29.46 14.37
CA ALA C 35 3.88 -28.85 14.82
C ALA C 35 4.06 -28.95 16.34
N ARG C 36 2.96 -28.90 17.09
CA ARG C 36 3.07 -29.16 18.54
C ARG C 36 3.34 -30.62 18.82
N GLN C 37 3.01 -31.52 17.89
CA GLN C 37 3.34 -32.93 18.01
C GLN C 37 4.78 -33.23 17.62
N ALA C 38 5.47 -32.27 17.00
CA ALA C 38 6.91 -32.33 16.80
C ALA C 38 7.67 -31.46 17.80
N GLY C 39 6.99 -30.94 18.83
CA GLY C 39 7.64 -30.14 19.85
C GLY C 39 8.05 -28.75 19.42
N ILE C 40 7.28 -28.11 18.53
CA ILE C 40 7.63 -26.82 17.96
C ILE C 40 6.75 -25.75 18.59
N ASP C 41 7.36 -24.61 18.93
CA ASP C 41 6.61 -23.48 19.51
C ASP C 41 5.77 -22.82 18.42
N VAL C 42 4.45 -23.03 18.46
CA VAL C 42 3.53 -22.53 17.45
C VAL C 42 2.79 -21.32 17.98
N ALA C 43 2.72 -20.27 17.17
CA ALA C 43 1.86 -19.11 17.42
C ALA C 43 0.99 -18.89 16.19
N VAL C 44 -0.27 -18.50 16.41
CA VAL C 44 -1.23 -18.28 15.33
C VAL C 44 -1.84 -16.89 15.49
N CYS C 45 -2.02 -16.19 14.37
CA CYS C 45 -2.30 -14.76 14.37
C CYS C 45 -3.37 -14.45 13.34
N LYS C 46 -4.45 -13.79 13.76
CA LYS C 46 -5.53 -13.35 12.87
C LYS C 46 -5.74 -11.86 13.04
N PRO C 47 -5.00 -11.03 12.30
CA PRO C 47 -4.98 -9.59 12.60
C PRO C 47 -6.24 -8.85 12.18
N VAL C 48 -6.98 -9.32 11.18
CA VAL C 48 -8.25 -8.72 10.82
C VAL C 48 -9.29 -9.84 10.83
N GLN C 49 -10.25 -9.74 11.75
CA GLN C 49 -11.31 -10.73 11.95
C GLN C 49 -12.66 -10.09 11.68
N THR C 50 -13.49 -10.77 10.90
CA THR C 50 -14.83 -10.33 10.57
C THR C 50 -15.83 -11.39 11.02
N GLY C 51 -17.12 -11.07 10.90
CA GLY C 51 -18.16 -12.04 11.19
C GLY C 51 -18.40 -12.38 12.65
N THR C 52 -18.01 -11.52 13.60
CA THR C 52 -18.30 -11.85 15.01
C THR C 52 -19.80 -11.83 15.30
N ALA C 53 -20.55 -10.92 14.66
CA ALA C 53 -22.01 -10.99 14.74
C ALA C 53 -22.55 -12.37 14.41
N ARG C 54 -21.81 -13.16 13.64
CA ARG C 54 -22.16 -14.51 13.22
C ARG C 54 -21.60 -15.58 14.14
N GLY C 55 -20.75 -15.20 15.09
CA GLY C 55 -20.04 -16.14 15.93
C GLY C 55 -18.65 -16.48 15.47
N ASP C 56 -18.17 -15.88 14.39
CA ASP C 56 -16.83 -16.17 13.88
C ASP C 56 -15.78 -15.78 14.90
N ASP C 57 -14.86 -16.70 15.16
CA ASP C 57 -13.63 -16.39 15.88
C ASP C 57 -12.63 -17.46 15.45
N ASP C 58 -11.78 -17.13 14.48
CA ASP C 58 -10.88 -18.12 13.92
C ASP C 58 -9.83 -18.56 14.95
N LEU C 59 -9.27 -17.61 15.71
CA LEU C 59 -8.33 -17.95 16.78
C LEU C 59 -8.96 -18.92 17.78
N ALA C 60 -10.20 -18.64 18.22
CA ALA C 60 -10.85 -19.52 19.19
C ALA C 60 -11.08 -20.90 18.60
N GLU C 61 -11.38 -20.98 17.30
CA GLU C 61 -11.53 -22.27 16.65
C GLU C 61 -10.21 -23.02 16.57
N VAL C 62 -9.10 -22.31 16.28
CA VAL C 62 -7.78 -22.93 16.30
C VAL C 62 -7.45 -23.43 17.70
N GLY C 63 -7.72 -22.61 18.72
CA GLY C 63 -7.56 -23.08 20.09
C GLY C 63 -8.35 -24.33 20.38
N ARG C 64 -9.64 -24.33 20.00
CA ARG C 64 -10.48 -25.49 20.16
C ARG C 64 -9.89 -26.71 19.44
N LEU C 65 -9.59 -26.57 18.14
CA LEU C 65 -9.21 -27.74 17.34
C LEU C 65 -7.81 -28.24 17.69
N ALA C 66 -6.89 -27.32 18.01
CA ALA C 66 -5.47 -27.67 18.11
C ALA C 66 -4.93 -27.65 19.53
N GLY C 67 -5.37 -26.71 20.36
CA GLY C 67 -4.80 -26.52 21.67
C GLY C 67 -3.76 -25.43 21.74
N VAL C 68 -3.86 -24.40 20.92
CA VAL C 68 -2.86 -23.34 20.86
C VAL C 68 -3.22 -22.27 21.89
N THR C 69 -2.29 -21.98 22.79
CA THR C 69 -2.47 -20.91 23.75
C THR C 69 -1.98 -19.58 23.21
N GLN C 70 -0.93 -19.59 22.38
CA GLN C 70 -0.35 -18.37 21.85
C GLN C 70 -1.11 -17.98 20.59
N LEU C 71 -2.18 -17.21 20.78
CA LEU C 71 -2.99 -16.65 19.72
C LEU C 71 -2.99 -15.13 19.83
N ALA C 72 -3.17 -14.43 18.71
CA ALA C 72 -3.19 -12.97 18.77
C ALA C 72 -3.99 -12.35 17.62
N GLY C 73 -4.87 -11.42 17.96
CA GLY C 73 -5.64 -10.65 16.99
C GLY C 73 -5.40 -9.16 17.10
N LEU C 74 -6.20 -8.34 16.43
CA LEU C 74 -6.00 -6.90 16.48
C LEU C 74 -7.26 -6.12 16.16
N ALA C 75 -7.75 -6.25 14.92
CA ALA C 75 -9.01 -5.64 14.51
C ALA C 75 -10.06 -6.74 14.42
N ARG C 76 -11.29 -6.40 14.80
CA ARG C 76 -12.40 -7.33 14.81
C ARG C 76 -13.66 -6.57 14.44
N TYR C 77 -14.53 -7.23 13.70
CA TYR C 77 -15.70 -6.57 13.16
C TYR C 77 -16.90 -7.51 13.22
N PRO C 78 -18.09 -6.97 13.46
CA PRO C 78 -19.29 -7.82 13.56
C PRO C 78 -19.72 -8.41 12.24
N GLN C 79 -19.84 -7.60 11.21
CA GLN C 79 -20.50 -8.07 9.98
C GLN C 79 -19.57 -8.94 9.15
N PRO C 80 -20.04 -10.12 8.69
CA PRO C 80 -19.25 -10.98 7.78
C PRO C 80 -19.21 -10.42 6.37
N MET C 81 -18.47 -9.33 6.21
CA MET C 81 -18.19 -8.67 4.94
C MET C 81 -16.68 -8.57 4.77
N ALA C 82 -16.27 -8.08 3.60
CA ALA C 82 -14.88 -7.74 3.42
C ALA C 82 -14.47 -6.73 4.50
N PRO C 83 -13.23 -6.78 4.98
CA PRO C 83 -12.88 -5.98 6.17
C PRO C 83 -13.12 -4.48 6.02
N ALA C 84 -12.82 -3.90 4.86
CA ALA C 84 -13.11 -2.48 4.66
C ALA C 84 -14.59 -2.18 4.87
N ALA C 85 -15.47 -3.01 4.28
CA ALA C 85 -16.91 -2.79 4.42
C ALA C 85 -17.38 -3.08 5.84
N ALA C 86 -16.84 -4.14 6.46
CA ALA C 86 -17.20 -4.45 7.84
C ALA C 86 -16.77 -3.36 8.80
N ALA C 87 -15.66 -2.68 8.50
CA ALA C 87 -15.23 -1.55 9.33
C ALA C 87 -16.15 -0.35 9.14
N GLU C 88 -16.41 0.03 7.89
CA GLU C 88 -17.36 1.11 7.59
C GLU C 88 -18.70 0.90 8.29
N HIS C 89 -19.24 -0.32 8.19
CA HIS C 89 -20.58 -0.59 8.73
C HIS C 89 -20.60 -0.49 10.25
N ALA C 90 -19.49 -0.83 10.89
CA ALA C 90 -19.34 -0.68 12.34
C ALA C 90 -18.81 0.69 12.74
N GLY C 91 -18.66 1.60 11.79
CA GLY C 91 -18.14 2.93 12.10
C GLY C 91 -16.71 2.98 12.60
N MET C 92 -15.96 1.88 12.50
CA MET C 92 -14.56 1.87 12.89
C MET C 92 -13.67 1.96 11.67
N ALA C 93 -12.36 1.88 11.89
CA ALA C 93 -11.38 1.98 10.83
C ALA C 93 -10.58 0.69 10.75
N LEU C 94 -10.13 0.37 9.53
CA LEU C 94 -9.19 -0.74 9.32
C LEU C 94 -7.98 -0.45 10.17
N PRO C 95 -7.16 -1.44 10.53
CA PRO C 95 -5.88 -1.12 11.15
C PRO C 95 -4.97 -0.43 10.15
N ALA C 96 -3.84 0.04 10.64
CA ALA C 96 -2.81 0.57 9.76
C ALA C 96 -1.84 -0.52 9.38
N ARG C 97 -1.16 -0.31 8.25
CA ARG C 97 -0.17 -1.26 7.74
C ARG C 97 0.85 -1.62 8.81
N ASP C 98 1.57 -0.62 9.34
CA ASP C 98 2.59 -0.90 10.36
C ASP C 98 1.99 -1.55 11.59
N GLN C 99 0.73 -1.21 11.93
CA GLN C 99 0.09 -1.79 13.10
C GLN C 99 -0.09 -3.29 12.95
N ILE C 100 -0.34 -3.76 11.72
CA ILE C 100 -0.40 -5.20 11.47
C ILE C 100 1.00 -5.81 11.50
N VAL C 101 1.95 -5.17 10.83
CA VAL C 101 3.31 -5.71 10.78
C VAL C 101 3.92 -5.70 12.19
N ARG C 102 3.68 -4.63 12.95
CA ARG C 102 4.14 -4.60 14.34
C ARG C 102 3.56 -5.76 15.15
N LEU C 103 2.31 -6.16 14.85
CA LEU C 103 1.66 -7.22 15.62
C LEU C 103 2.32 -8.56 15.34
N ILE C 104 2.58 -8.85 14.06
CA ILE C 104 3.28 -10.08 13.71
C ILE C 104 4.73 -10.02 14.19
N ALA C 105 5.37 -8.84 14.02
CA ALA C 105 6.77 -8.68 14.42
C ALA C 105 7.00 -9.02 15.87
N ASP C 106 6.12 -8.51 16.76
CA ASP C 106 6.24 -8.84 18.18
C ASP C 106 6.12 -10.35 18.42
N LEU C 107 5.18 -11.00 17.72
CA LEU C 107 4.99 -12.44 17.86
C LEU C 107 6.23 -13.23 17.47
N ASP C 108 6.90 -12.80 16.38
CA ASP C 108 8.04 -13.53 15.83
C ASP C 108 9.13 -13.71 16.88
N ARG C 109 9.52 -14.96 17.10
CA ARG C 109 10.55 -15.34 18.06
C ARG C 109 11.33 -16.50 17.47
N PRO C 110 12.62 -16.62 17.80
CA PRO C 110 13.40 -17.77 17.33
C PRO C 110 12.85 -19.08 17.85
N GLY C 111 12.99 -20.13 17.05
CA GLY C 111 12.43 -21.42 17.39
C GLY C 111 10.93 -21.54 17.20
N ARG C 112 10.27 -20.52 16.65
CA ARG C 112 8.81 -20.42 16.67
C ARG C 112 8.24 -20.34 15.25
N LEU C 113 7.41 -21.32 14.90
CA LEU C 113 6.58 -21.25 13.70
C LEU C 113 5.36 -20.39 13.96
N THR C 114 5.32 -19.21 13.35
CA THR C 114 4.19 -18.30 13.48
C THR C 114 3.35 -18.38 12.21
N LEU C 115 2.08 -18.74 12.37
CA LEU C 115 1.13 -18.82 11.26
C LEU C 115 0.22 -17.59 11.29
N VAL C 116 0.11 -16.91 10.15
CA VAL C 116 -0.72 -15.72 9.99
C VAL C 116 -1.87 -16.05 9.03
N GLU C 117 -3.11 -15.88 9.49
CA GLU C 117 -4.28 -16.11 8.64
C GLU C 117 -4.82 -14.77 8.13
N GLY C 118 -4.90 -14.64 6.81
CA GLY C 118 -5.52 -13.47 6.22
C GLY C 118 -7.04 -13.51 6.38
N ALA C 119 -7.69 -12.55 5.75
CA ALA C 119 -9.14 -12.45 5.72
C ALA C 119 -9.61 -12.71 4.28
N GLY C 120 -10.13 -13.90 4.03
CA GLY C 120 -10.55 -14.21 2.66
C GLY C 120 -9.31 -14.48 1.81
N GLY C 121 -9.25 -13.82 0.65
CA GLY C 121 -8.25 -14.10 -0.35
C GLY C 121 -7.02 -13.20 -0.28
N LEU C 122 -6.04 -13.54 -1.11
CA LEU C 122 -4.72 -12.93 -1.01
C LEU C 122 -4.79 -11.41 -1.12
N LEU C 123 -5.62 -10.89 -2.04
CA LEU C 123 -5.57 -9.48 -2.36
C LEU C 123 -6.68 -8.70 -1.67
N VAL C 124 -7.31 -9.25 -0.64
CA VAL C 124 -8.31 -8.50 0.08
C VAL C 124 -7.63 -7.44 0.92
N GLU C 125 -8.15 -6.20 0.84
CA GLU C 125 -7.58 -5.07 1.57
C GLU C 125 -7.70 -5.27 3.08
N LEU C 126 -6.55 -5.30 3.77
CA LEU C 126 -6.53 -5.41 5.22
C LEU C 126 -6.29 -4.09 5.94
N ALA C 127 -5.57 -3.15 5.31
CA ALA C 127 -5.28 -1.85 5.90
C ALA C 127 -5.36 -0.79 4.81
N GLU C 128 -5.68 0.44 5.19
CA GLU C 128 -5.74 1.45 4.13
C GLU C 128 -4.34 1.89 3.74
N PRO C 129 -4.13 2.32 2.48
CA PRO C 129 -5.04 2.23 1.34
C PRO C 129 -4.69 1.06 0.40
N GLY C 130 -5.49 -0.01 0.44
CA GLY C 130 -5.27 -1.13 -0.46
C GLY C 130 -4.12 -2.04 -0.09
N VAL C 131 -3.70 -2.05 1.16
CA VAL C 131 -2.65 -2.94 1.63
C VAL C 131 -3.24 -4.33 1.83
N THR C 132 -2.55 -5.36 1.33
CA THR C 132 -3.06 -6.72 1.35
C THR C 132 -2.19 -7.62 2.20
N LEU C 133 -2.67 -8.86 2.40
CA LEU C 133 -1.83 -9.87 3.03
C LEU C 133 -0.55 -10.13 2.23
N ARG C 134 -0.58 -9.88 0.92
CA ARG C 134 0.64 -10.01 0.16
C ARG C 134 1.64 -8.92 0.54
N ASP C 135 1.17 -7.68 0.68
CA ASP C 135 2.07 -6.60 1.11
C ASP C 135 2.61 -6.87 2.50
N VAL C 136 1.80 -7.48 3.37
CA VAL C 136 2.26 -7.85 4.71
C VAL C 136 3.38 -8.87 4.65
N ALA C 137 3.19 -9.92 3.85
CA ALA C 137 4.21 -10.96 3.73
C ALA C 137 5.53 -10.39 3.24
N VAL C 138 5.46 -9.39 2.35
CA VAL C 138 6.69 -8.72 1.89
C VAL C 138 7.35 -7.99 3.05
N ASP C 139 6.60 -7.09 3.71
CA ASP C 139 7.13 -6.31 4.82
C ASP C 139 7.84 -7.18 5.85
N VAL C 140 7.39 -8.41 6.04
CA VAL C 140 7.88 -9.28 7.10
C VAL C 140 8.60 -10.52 6.56
N ALA C 141 8.85 -10.57 5.26
CA ALA C 141 9.62 -11.64 4.61
C ALA C 141 9.10 -13.04 4.96
N ALA C 142 7.82 -13.25 4.66
CA ALA C 142 7.15 -14.52 4.93
C ALA C 142 6.85 -15.27 3.64
N ALA C 143 6.95 -16.60 3.70
CA ALA C 143 6.45 -17.46 2.64
C ALA C 143 4.92 -17.55 2.74
N ALA C 144 4.29 -18.11 1.70
CA ALA C 144 2.83 -18.17 1.66
C ALA C 144 2.37 -19.60 1.43
N LEU C 145 1.54 -20.11 2.33
CA LEU C 145 0.84 -21.35 2.13
C LEU C 145 -0.55 -21.04 1.57
N VAL C 146 -0.95 -21.73 0.52
CA VAL C 146 -2.16 -21.40 -0.23
C VAL C 146 -3.17 -22.52 -0.04
N VAL C 147 -4.25 -22.23 0.68
CA VAL C 147 -5.35 -23.17 0.83
C VAL C 147 -6.29 -23.04 -0.38
N VAL C 148 -6.62 -24.18 -1.00
CA VAL C 148 -7.44 -24.20 -2.20
C VAL C 148 -8.51 -25.28 -2.07
N THR C 149 -9.53 -25.19 -2.92
CA THR C 149 -10.52 -26.24 -3.05
C THR C 149 -10.10 -27.26 -4.10
N ALA C 150 -10.85 -28.35 -4.17
CA ALA C 150 -10.74 -29.31 -5.25
C ALA C 150 -11.90 -29.20 -6.23
N ASP C 151 -12.71 -28.14 -6.12
CA ASP C 151 -13.92 -27.96 -6.90
C ASP C 151 -13.67 -27.11 -8.14
N LEU C 152 -14.68 -27.07 -9.01
CA LEU C 152 -14.56 -26.34 -10.27
C LEU C 152 -14.19 -24.88 -10.00
N GLY C 153 -13.30 -24.36 -10.85
CA GLY C 153 -12.75 -23.04 -10.65
C GLY C 153 -11.50 -23.00 -9.81
N THR C 154 -11.06 -24.13 -9.26
CA THR C 154 -9.91 -24.07 -8.36
C THR C 154 -8.62 -23.82 -9.13
N LEU C 155 -8.50 -24.36 -10.35
CA LEU C 155 -7.25 -24.22 -11.10
C LEU C 155 -6.99 -22.76 -11.44
N ASN C 156 -8.00 -22.09 -11.99
CA ASN C 156 -7.90 -20.67 -12.33
C ASN C 156 -7.51 -19.83 -11.11
N HIS C 157 -8.23 -20.03 -10.00
CA HIS C 157 -8.00 -19.25 -8.79
C HIS C 157 -6.63 -19.53 -8.19
N THR C 158 -6.21 -20.79 -8.14
CA THR C 158 -4.89 -21.08 -7.61
C THR C 158 -3.80 -20.45 -8.47
N LYS C 159 -3.89 -20.65 -9.79
CA LYS C 159 -2.93 -20.03 -10.71
C LYS C 159 -2.88 -18.52 -10.56
N LEU C 160 -4.05 -17.85 -10.59
CA LEU C 160 -4.07 -16.40 -10.38
C LEU C 160 -3.39 -16.03 -9.07
N THR C 161 -3.59 -16.84 -8.04
CA THR C 161 -3.02 -16.52 -6.74
C THR C 161 -1.52 -16.76 -6.73
N LEU C 162 -1.09 -17.91 -7.23
CA LEU C 162 0.34 -18.18 -7.35
C LEU C 162 1.05 -17.07 -8.14
N GLU C 163 0.45 -16.62 -9.25
CA GLU C 163 1.07 -15.55 -10.03
C GLU C 163 1.23 -14.29 -9.20
N ALA C 164 0.17 -13.88 -8.50
CA ALA C 164 0.23 -12.63 -7.75
C ALA C 164 1.26 -12.71 -6.63
N LEU C 165 1.50 -13.92 -6.12
CA LEU C 165 2.60 -14.11 -5.17
C LEU C 165 3.94 -13.86 -5.85
N ALA C 166 4.19 -14.51 -6.99
CA ALA C 166 5.48 -14.33 -7.66
C ALA C 166 5.71 -12.88 -8.08
N ALA C 167 4.63 -12.14 -8.39
CA ALA C 167 4.78 -10.75 -8.84
C ALA C 167 5.55 -9.89 -7.82
N GLN C 168 5.51 -10.26 -6.53
CA GLN C 168 6.25 -9.54 -5.51
C GLN C 168 7.23 -10.46 -4.80
N GLN C 169 7.62 -11.57 -5.44
CA GLN C 169 8.67 -12.47 -4.97
C GLN C 169 8.35 -13.07 -3.60
N VAL C 170 7.06 -13.16 -3.25
CA VAL C 170 6.65 -13.89 -2.06
C VAL C 170 6.66 -15.38 -2.39
N SER C 171 7.60 -16.10 -1.80
CA SER C 171 7.75 -17.52 -2.06
C SER C 171 6.49 -18.27 -1.68
N CYS C 172 6.34 -19.46 -2.25
CA CYS C 172 5.14 -20.27 -2.09
C CYS C 172 5.50 -21.56 -1.38
N ALA C 173 5.09 -21.67 -0.11
CA ALA C 173 5.39 -22.86 0.70
C ALA C 173 4.62 -24.10 0.26
N GLY C 174 3.65 -23.98 -0.64
CA GLY C 174 2.90 -25.12 -1.12
C GLY C 174 1.41 -24.86 -1.10
N LEU C 175 0.65 -25.88 -1.51
CA LEU C 175 -0.80 -25.84 -1.46
C LEU C 175 -1.31 -26.82 -0.41
N VAL C 176 -2.51 -26.52 0.12
CA VAL C 176 -3.27 -27.48 0.91
C VAL C 176 -4.70 -27.46 0.40
N ILE C 177 -5.20 -28.63 0.00
CA ILE C 177 -6.63 -28.82 -0.26
C ILE C 177 -7.37 -28.77 1.08
N GLY C 178 -8.21 -27.75 1.26
CA GLY C 178 -8.91 -27.57 2.53
C GLY C 178 -9.96 -28.62 2.85
N SER C 179 -10.52 -29.27 1.84
CA SER C 179 -11.53 -30.30 2.07
C SER C 179 -11.37 -31.32 0.97
N TRP C 180 -10.96 -32.53 1.33
CA TRP C 180 -10.84 -33.58 0.34
C TRP C 180 -12.03 -34.52 0.48
N PRO C 181 -12.85 -34.67 -0.56
CA PRO C 181 -14.04 -35.52 -0.43
C PRO C 181 -13.69 -37.00 -0.52
N ASP C 182 -14.51 -37.81 0.11
CA ASP C 182 -14.33 -39.26 0.16
C ASP C 182 -15.65 -39.95 -0.15
N PRO C 183 -15.75 -40.66 -1.29
CA PRO C 183 -14.68 -40.76 -2.27
C PRO C 183 -14.67 -39.58 -3.26
N PRO C 184 -13.52 -39.31 -3.87
CA PRO C 184 -13.42 -38.18 -4.80
C PRO C 184 -14.23 -38.45 -6.06
N GLY C 185 -15.05 -37.48 -6.44
CA GLY C 185 -15.67 -37.52 -7.74
C GLY C 185 -14.65 -37.29 -8.85
N LEU C 186 -15.17 -37.16 -10.06
CA LEU C 186 -14.31 -36.98 -11.21
C LEU C 186 -13.68 -35.59 -11.23
N VAL C 187 -14.45 -34.56 -10.87
CA VAL C 187 -13.91 -33.21 -10.82
C VAL C 187 -12.81 -33.10 -9.77
N ALA C 188 -13.05 -33.66 -8.59
CA ALA C 188 -12.09 -33.52 -7.49
C ALA C 188 -10.77 -34.19 -7.81
N ALA C 189 -10.83 -35.44 -8.31
CA ALA C 189 -9.61 -36.17 -8.59
C ALA C 189 -8.82 -35.51 -9.71
N SER C 190 -9.51 -35.05 -10.75
CA SER C 190 -8.86 -34.36 -11.86
C SER C 190 -8.15 -33.11 -11.37
N ASN C 191 -8.86 -32.28 -10.58
CA ASN C 191 -8.25 -31.03 -10.12
C ASN C 191 -7.05 -31.28 -9.24
N ARG C 192 -7.06 -32.38 -8.47
CA ARG C 192 -5.93 -32.68 -7.62
C ARG C 192 -4.72 -33.07 -8.45
N SER C 193 -4.91 -33.95 -9.44
CA SER C 193 -3.82 -34.22 -10.37
C SER C 193 -3.27 -32.93 -10.96
N ALA C 194 -4.15 -32.02 -11.36
CA ALA C 194 -3.72 -30.77 -11.97
C ALA C 194 -3.02 -29.87 -10.97
N LEU C 195 -3.52 -29.82 -9.74
CA LEU C 195 -2.88 -29.00 -8.72
C LEU C 195 -1.52 -29.57 -8.34
N ALA C 196 -1.41 -30.90 -8.26
CA ALA C 196 -0.11 -31.54 -8.03
C ALA C 196 0.92 -31.14 -9.08
N ARG C 197 0.50 -30.90 -10.33
CA ARG C 197 1.43 -30.42 -11.35
C ARG C 197 1.74 -28.94 -11.22
N ILE C 198 0.91 -28.17 -10.50
CA ILE C 198 1.14 -26.75 -10.37
C ILE C 198 2.19 -26.47 -9.29
N ALA C 199 2.05 -27.13 -8.13
CA ALA C 199 2.92 -26.85 -7.00
C ALA C 199 2.84 -28.00 -6.01
N MET C 200 3.67 -27.94 -4.98
CA MET C 200 3.70 -28.98 -3.96
C MET C 200 2.41 -28.96 -3.14
N VAL C 201 1.67 -30.06 -3.20
CA VAL C 201 0.49 -30.27 -2.38
C VAL C 201 0.96 -30.79 -1.03
N ARG C 202 0.92 -29.95 0.00
CA ARG C 202 1.42 -30.36 1.31
C ARG C 202 0.47 -31.35 1.98
N ALA C 203 -0.83 -31.21 1.77
CA ALA C 203 -1.83 -32.02 2.46
C ALA C 203 -3.18 -31.76 1.81
N ALA C 204 -4.07 -32.74 1.96
CA ALA C 204 -5.48 -32.59 1.62
C ALA C 204 -6.30 -33.02 2.82
N LEU C 205 -6.86 -32.07 3.54
CA LEU C 205 -7.57 -32.38 4.77
C LEU C 205 -8.86 -33.15 4.45
N PRO C 206 -9.13 -34.24 5.17
CA PRO C 206 -10.42 -34.93 5.01
C PRO C 206 -11.58 -33.96 5.21
N ALA C 207 -12.60 -34.09 4.36
CA ALA C 207 -13.80 -33.28 4.49
C ALA C 207 -14.43 -33.50 5.87
N GLY C 208 -14.91 -32.41 6.46
CA GLY C 208 -15.46 -32.51 7.80
C GLY C 208 -14.45 -32.68 8.90
N ALA C 209 -13.18 -32.33 8.64
CA ALA C 209 -12.14 -32.46 9.66
C ALA C 209 -12.38 -31.56 10.86
N ALA C 210 -13.16 -30.49 10.70
CA ALA C 210 -13.34 -29.56 11.81
C ALA C 210 -14.25 -30.11 12.91
N SER C 211 -15.11 -31.07 12.60
CA SER C 211 -16.00 -31.64 13.60
C SER C 211 -15.41 -32.86 14.29
N LEU C 212 -14.21 -33.30 13.91
CA LEU C 212 -13.56 -34.41 14.59
C LEU C 212 -13.24 -34.06 16.03
N ASP C 213 -13.33 -35.05 16.92
CA ASP C 213 -12.85 -34.84 18.28
C ASP C 213 -11.35 -34.61 18.26
N ALA C 214 -10.84 -33.97 19.32
CA ALA C 214 -9.45 -33.57 19.37
C ALA C 214 -8.52 -34.77 19.17
N GLY C 215 -8.88 -35.92 19.74
CA GLY C 215 -8.06 -37.10 19.56
C GLY C 215 -7.88 -37.47 18.10
N ASP C 216 -8.99 -37.62 17.36
CA ASP C 216 -8.87 -37.93 15.95
C ASP C 216 -8.31 -36.76 15.15
N PHE C 217 -8.62 -35.52 15.56
CA PHE C 217 -8.12 -34.36 14.83
C PHE C 217 -6.62 -34.22 14.98
N ALA C 218 -6.07 -34.51 16.16
CA ALA C 218 -4.62 -34.47 16.31
C ALA C 218 -3.94 -35.59 15.54
N ALA C 219 -4.62 -36.74 15.42
CA ALA C 219 -4.08 -37.82 14.59
C ALA C 219 -4.08 -37.41 13.12
N MET C 220 -5.25 -37.04 12.61
CA MET C 220 -5.36 -36.55 11.23
C MET C 220 -4.30 -35.49 10.96
N SER C 221 -4.11 -34.56 11.90
CA SER C 221 -3.19 -33.46 11.70
C SER C 221 -1.77 -33.95 11.48
N ALA C 222 -1.33 -34.95 12.24
CA ALA C 222 0.03 -35.47 12.06
C ALA C 222 0.14 -36.38 10.85
N ALA C 223 -0.94 -37.06 10.47
CA ALA C 223 -0.95 -37.94 9.31
C ALA C 223 -1.23 -37.20 7.99
N ALA C 224 -1.37 -35.88 8.02
CA ALA C 224 -1.71 -35.11 6.83
C ALA C 224 -0.51 -34.43 6.21
N PHE C 225 0.33 -33.80 7.03
CA PHE C 225 1.57 -33.20 6.55
C PHE C 225 2.72 -34.19 6.67
N ASP C 226 3.84 -33.83 6.06
CA ASP C 226 5.06 -34.65 6.09
C ASP C 226 5.99 -34.13 7.17
N ARG C 227 6.44 -35.03 8.04
CA ARG C 227 7.22 -34.65 9.22
C ARG C 227 8.43 -33.81 8.83
N ASN C 228 9.20 -34.29 7.84
CA ASN C 228 10.43 -33.61 7.46
C ASN C 228 10.15 -32.19 7.00
N TRP C 229 9.03 -31.99 6.30
CA TRP C 229 8.63 -30.64 5.91
C TRP C 229 8.33 -29.79 7.13
N VAL C 230 7.47 -30.28 8.02
CA VAL C 230 7.08 -29.53 9.20
C VAL C 230 8.30 -29.21 10.05
N ALA C 231 9.18 -30.20 10.23
CA ALA C 231 10.44 -29.94 10.92
C ALA C 231 11.27 -28.91 10.19
N GLY C 232 11.39 -29.05 8.86
CA GLY C 232 12.20 -28.14 8.08
C GLY C 232 11.73 -26.70 8.11
N LEU C 233 10.49 -26.46 8.55
CA LEU C 233 9.94 -25.10 8.50
C LEU C 233 10.64 -24.15 9.48
N VAL C 234 11.08 -24.68 10.61
CA VAL C 234 11.79 -23.87 11.60
C VAL C 234 13.17 -24.46 11.81
N GLY C 235 13.28 -25.78 11.69
CA GLY C 235 14.53 -26.49 11.84
C GLY C 235 15.24 -26.32 13.18
N GLY D 9 -8.61 -3.75 -39.72
CA GLY D 9 -9.62 -4.72 -39.33
C GLY D 9 -10.68 -4.15 -38.40
N GLY D 10 -11.28 -5.02 -37.59
CA GLY D 10 -12.29 -4.60 -36.65
C GLY D 10 -11.77 -4.59 -35.23
N THR D 11 -12.64 -4.88 -34.27
CA THR D 11 -12.30 -4.88 -32.85
C THR D 11 -12.54 -6.27 -32.28
N ILE D 12 -11.47 -6.91 -31.81
CA ILE D 12 -11.57 -8.16 -31.07
C ILE D 12 -11.56 -7.83 -29.59
N LEU D 13 -12.47 -8.47 -28.86
CA LEU D 13 -12.68 -8.18 -27.45
C LEU D 13 -12.91 -9.52 -26.78
N VAL D 14 -11.98 -9.98 -25.93
CA VAL D 14 -12.25 -11.19 -25.16
C VAL D 14 -13.12 -10.82 -23.95
N VAL D 15 -14.05 -11.69 -23.64
CA VAL D 15 -14.90 -11.55 -22.47
C VAL D 15 -14.51 -12.66 -21.52
N THR D 16 -13.74 -12.31 -20.50
CA THR D 16 -13.33 -13.24 -19.49
C THR D 16 -14.11 -12.93 -18.21
N GLY D 17 -13.69 -13.54 -17.12
CA GLY D 17 -14.47 -13.39 -15.91
C GLY D 17 -13.67 -13.91 -14.74
N THR D 18 -14.20 -13.64 -13.54
CA THR D 18 -13.51 -14.03 -12.31
C THR D 18 -13.57 -15.52 -12.05
N GLY D 19 -14.44 -16.25 -12.74
CA GLY D 19 -14.44 -17.70 -12.65
C GLY D 19 -15.56 -18.26 -13.49
N THR D 20 -15.98 -19.49 -13.17
CA THR D 20 -17.07 -20.09 -13.92
C THR D 20 -18.41 -19.56 -13.43
N GLY D 21 -19.34 -19.37 -14.36
CA GLY D 21 -20.69 -19.05 -13.96
C GLY D 21 -20.94 -17.65 -13.46
N VAL D 22 -20.27 -16.65 -14.03
CA VAL D 22 -20.37 -15.28 -13.52
C VAL D 22 -21.21 -14.39 -14.42
N GLY D 23 -21.61 -14.86 -15.59
CA GLY D 23 -22.43 -14.06 -16.50
C GLY D 23 -21.78 -13.74 -17.83
N LYS D 24 -20.65 -14.39 -18.14
CA LYS D 24 -19.93 -14.08 -19.37
C LYS D 24 -20.84 -14.18 -20.58
N THR D 25 -21.51 -15.32 -20.73
CA THR D 25 -22.38 -15.52 -21.89
C THR D 25 -23.42 -14.41 -21.97
N VAL D 26 -24.21 -14.22 -20.90
CA VAL D 26 -25.24 -13.19 -20.95
C VAL D 26 -24.65 -11.79 -21.16
N VAL D 27 -23.39 -11.56 -20.75
CA VAL D 27 -22.76 -10.27 -21.04
C VAL D 27 -22.41 -10.16 -22.51
N CYS D 28 -21.83 -11.22 -23.08
CA CYS D 28 -21.64 -11.30 -24.54
C CYS D 28 -22.94 -10.96 -25.27
N ALA D 29 -24.06 -11.53 -24.83
CA ALA D 29 -25.34 -11.29 -25.47
C ALA D 29 -25.80 -9.84 -25.30
N ALA D 30 -25.74 -9.32 -24.07
CA ALA D 30 -26.17 -7.94 -23.86
C ALA D 30 -25.30 -6.97 -24.65
N LEU D 31 -23.98 -7.17 -24.63
CA LEU D 31 -23.08 -6.31 -25.39
C LEU D 31 -23.33 -6.44 -26.89
N ALA D 32 -23.62 -7.65 -27.37
CA ALA D 32 -23.94 -7.84 -28.77
C ALA D 32 -25.23 -7.11 -29.14
N SER D 33 -26.27 -7.24 -28.31
CA SER D 33 -27.53 -6.59 -28.62
C SER D 33 -27.40 -5.07 -28.61
N ALA D 34 -26.59 -4.53 -27.68
CA ALA D 34 -26.38 -3.08 -27.63
C ALA D 34 -25.59 -2.60 -28.84
N ALA D 35 -24.57 -3.36 -29.24
CA ALA D 35 -23.83 -3.03 -30.45
C ALA D 35 -24.69 -3.18 -31.71
N ARG D 36 -25.52 -4.23 -31.76
CA ARG D 36 -26.39 -4.40 -32.93
C ARG D 36 -27.39 -3.26 -33.05
N GLN D 37 -27.94 -2.80 -31.93
CA GLN D 37 -28.82 -1.65 -31.97
C GLN D 37 -28.09 -0.35 -32.24
N ALA D 38 -26.76 -0.34 -32.19
CA ALA D 38 -25.99 0.83 -32.57
C ALA D 38 -25.53 0.77 -34.02
N GLY D 39 -26.00 -0.22 -34.78
CA GLY D 39 -25.57 -0.37 -36.15
C GLY D 39 -24.23 -1.06 -36.34
N ILE D 40 -23.76 -1.81 -35.34
CA ILE D 40 -22.47 -2.49 -35.41
C ILE D 40 -22.71 -3.96 -35.72
N ASP D 41 -21.87 -4.51 -36.60
CA ASP D 41 -21.93 -5.92 -36.94
C ASP D 41 -21.16 -6.72 -35.89
N VAL D 42 -21.79 -7.78 -35.37
CA VAL D 42 -21.24 -8.54 -34.26
C VAL D 42 -21.02 -9.99 -34.66
N ALA D 43 -19.87 -10.55 -34.26
CA ALA D 43 -19.67 -11.98 -34.23
C ALA D 43 -19.34 -12.41 -32.81
N VAL D 44 -19.73 -13.63 -32.45
CA VAL D 44 -19.33 -14.19 -31.16
C VAL D 44 -18.70 -15.55 -31.40
N CYS D 45 -17.57 -15.79 -30.76
CA CYS D 45 -16.77 -16.99 -30.94
C CYS D 45 -16.57 -17.66 -29.59
N LYS D 46 -16.92 -18.94 -29.52
CA LYS D 46 -16.77 -19.76 -28.31
C LYS D 46 -16.03 -21.01 -28.76
N PRO D 47 -14.70 -20.96 -28.81
CA PRO D 47 -13.95 -22.06 -29.44
C PRO D 47 -14.17 -23.41 -28.77
N VAL D 48 -14.38 -23.46 -27.46
CA VAL D 48 -14.58 -24.72 -26.75
C VAL D 48 -15.84 -24.62 -25.91
N GLN D 49 -16.69 -25.64 -26.01
CA GLN D 49 -17.92 -25.75 -25.23
C GLN D 49 -17.92 -27.11 -24.56
N THR D 50 -17.95 -27.12 -23.24
CA THR D 50 -18.11 -28.37 -22.52
C THR D 50 -19.57 -28.46 -22.06
N GLY D 51 -19.90 -29.59 -21.43
CA GLY D 51 -21.24 -29.80 -20.92
C GLY D 51 -22.30 -29.94 -21.99
N THR D 52 -21.99 -30.59 -23.11
CA THR D 52 -23.00 -30.67 -24.16
C THR D 52 -24.04 -31.78 -23.92
N ALA D 53 -23.68 -32.85 -23.22
CA ALA D 53 -24.67 -33.88 -22.93
C ALA D 53 -25.83 -33.30 -22.11
N ARG D 54 -25.53 -32.45 -21.12
CA ARG D 54 -26.58 -31.75 -20.39
C ARG D 54 -27.11 -30.53 -21.15
N GLY D 55 -26.66 -30.30 -22.39
CA GLY D 55 -27.24 -29.30 -23.28
C GLY D 55 -26.70 -27.89 -23.21
N ASP D 56 -25.55 -27.66 -22.57
CA ASP D 56 -24.95 -26.33 -22.56
C ASP D 56 -24.53 -25.92 -23.96
N ASP D 57 -24.92 -24.70 -24.36
CA ASP D 57 -24.62 -24.15 -25.69
C ASP D 57 -24.66 -22.62 -25.55
N ASP D 58 -23.48 -22.03 -25.28
CA ASP D 58 -23.47 -20.60 -25.00
C ASP D 58 -23.76 -19.79 -26.25
N LEU D 59 -23.30 -20.27 -27.41
CA LEU D 59 -23.61 -19.59 -28.66
C LEU D 59 -25.11 -19.53 -28.89
N ALA D 60 -25.82 -20.62 -28.61
CA ALA D 60 -27.26 -20.62 -28.76
C ALA D 60 -27.89 -19.52 -27.93
N GLU D 61 -27.40 -19.36 -26.70
CA GLU D 61 -27.93 -18.32 -25.82
C GLU D 61 -27.67 -16.94 -26.40
N VAL D 62 -26.47 -16.73 -26.95
CA VAL D 62 -26.18 -15.48 -27.66
C VAL D 62 -27.13 -15.32 -28.84
N GLY D 63 -27.36 -16.40 -29.60
CA GLY D 63 -28.23 -16.30 -30.76
C GLY D 63 -29.65 -15.92 -30.39
N ARG D 64 -30.18 -16.55 -29.35
CA ARG D 64 -31.59 -16.36 -29.00
C ARG D 64 -31.84 -15.02 -28.31
N LEU D 65 -30.93 -14.60 -27.44
CA LEU D 65 -31.14 -13.36 -26.68
C LEU D 65 -30.86 -12.12 -27.53
N ALA D 66 -29.85 -12.18 -28.39
CA ALA D 66 -29.31 -11.02 -29.07
C ALA D 66 -29.45 -11.06 -30.58
N GLY D 67 -29.81 -12.20 -31.16
CA GLY D 67 -30.05 -12.29 -32.59
C GLY D 67 -28.79 -12.46 -33.43
N VAL D 68 -27.63 -12.61 -32.79
CA VAL D 68 -26.39 -12.77 -33.53
C VAL D 68 -26.42 -14.06 -34.32
N THR D 69 -25.95 -14.00 -35.57
CA THR D 69 -25.92 -15.15 -36.46
C THR D 69 -24.51 -15.65 -36.76
N GLN D 70 -23.53 -14.77 -36.82
CA GLN D 70 -22.14 -15.20 -36.97
C GLN D 70 -21.67 -15.70 -35.61
N LEU D 71 -21.74 -17.02 -35.44
CA LEU D 71 -21.55 -17.71 -34.17
C LEU D 71 -20.67 -18.91 -34.45
N ALA D 72 -19.43 -18.89 -33.91
CA ALA D 72 -18.39 -19.83 -34.35
C ALA D 72 -17.74 -20.56 -33.18
N GLY D 73 -17.52 -21.85 -33.36
CA GLY D 73 -16.88 -22.66 -32.35
C GLY D 73 -16.11 -23.77 -33.04
N LEU D 74 -15.22 -24.40 -32.27
CA LEU D 74 -14.32 -25.42 -32.78
C LEU D 74 -14.49 -26.79 -32.15
N ALA D 75 -15.01 -26.90 -30.92
CA ALA D 75 -15.00 -28.17 -30.20
C ALA D 75 -16.13 -28.22 -29.19
N ARG D 76 -16.57 -29.44 -28.89
CA ARG D 76 -17.70 -29.63 -27.98
C ARG D 76 -17.46 -30.90 -27.18
N TYR D 77 -17.33 -30.77 -25.86
CA TYR D 77 -17.12 -31.98 -25.07
C TYR D 77 -18.34 -32.27 -24.20
N PRO D 78 -18.72 -33.55 -24.06
CA PRO D 78 -19.96 -33.85 -23.34
C PRO D 78 -19.90 -33.58 -21.85
N GLN D 79 -18.78 -33.87 -21.20
CA GLN D 79 -18.73 -33.75 -19.74
C GLN D 79 -18.79 -32.29 -19.30
N PRO D 80 -19.45 -32.03 -18.17
CA PRO D 80 -19.46 -30.66 -17.58
C PRO D 80 -18.22 -30.39 -16.75
N MET D 81 -17.08 -30.35 -17.43
CA MET D 81 -15.80 -30.20 -16.77
C MET D 81 -15.04 -29.05 -17.43
N ALA D 82 -13.94 -28.68 -16.80
CA ALA D 82 -12.98 -27.81 -17.45
C ALA D 82 -12.64 -28.39 -18.82
N PRO D 83 -12.43 -27.53 -19.85
CA PRO D 83 -12.03 -28.03 -21.17
C PRO D 83 -10.97 -29.11 -21.12
N ALA D 84 -9.88 -28.85 -20.41
CA ALA D 84 -8.77 -29.81 -20.37
C ALA D 84 -9.23 -31.15 -19.81
N ALA D 85 -9.96 -31.13 -18.70
CA ALA D 85 -10.43 -32.37 -18.08
C ALA D 85 -11.49 -33.04 -18.95
N ALA D 86 -12.47 -32.27 -19.43
CA ALA D 86 -13.48 -32.81 -20.35
C ALA D 86 -12.83 -33.51 -21.54
N ALA D 87 -11.71 -32.94 -22.04
CA ALA D 87 -11.02 -33.55 -23.17
C ALA D 87 -10.33 -34.85 -22.78
N GLU D 88 -9.65 -34.86 -21.63
CA GLU D 88 -8.96 -36.08 -21.20
C GLU D 88 -9.95 -37.21 -20.96
N HIS D 89 -11.12 -36.88 -20.40
CA HIS D 89 -12.15 -37.89 -20.17
C HIS D 89 -12.58 -38.55 -21.46
N ALA D 90 -12.79 -37.76 -22.51
CA ALA D 90 -13.25 -38.26 -23.81
C ALA D 90 -12.15 -38.96 -24.60
N GLY D 91 -10.89 -38.88 -24.16
CA GLY D 91 -9.80 -39.47 -24.91
C GLY D 91 -9.35 -38.65 -26.11
N MET D 92 -9.81 -37.41 -26.24
CA MET D 92 -9.51 -36.59 -27.39
C MET D 92 -8.94 -35.26 -26.94
N ALA D 93 -7.99 -34.74 -27.71
CA ALA D 93 -7.26 -33.55 -27.36
C ALA D 93 -8.11 -32.30 -27.59
N LEU D 94 -7.69 -31.21 -26.93
CA LEU D 94 -8.25 -29.91 -27.18
C LEU D 94 -7.79 -29.42 -28.55
N PRO D 95 -8.53 -28.48 -29.17
CA PRO D 95 -8.09 -27.92 -30.45
C PRO D 95 -6.74 -27.24 -30.30
N ALA D 96 -6.11 -26.91 -31.43
CA ALA D 96 -4.79 -26.30 -31.43
C ALA D 96 -4.88 -24.79 -31.26
N ARG D 97 -3.91 -24.24 -30.51
CA ARG D 97 -3.66 -22.80 -30.46
C ARG D 97 -3.81 -22.13 -31.82
N ASP D 98 -3.12 -22.68 -32.81
CA ASP D 98 -3.33 -22.40 -34.23
C ASP D 98 -4.78 -22.13 -34.56
N GLN D 99 -5.61 -23.14 -34.34
CA GLN D 99 -7.01 -23.08 -34.77
C GLN D 99 -7.74 -21.92 -34.11
N ILE D 100 -7.53 -21.73 -32.80
CA ILE D 100 -8.31 -20.72 -32.09
C ILE D 100 -7.93 -19.34 -32.58
N VAL D 101 -6.64 -19.01 -32.51
CA VAL D 101 -6.16 -17.69 -32.91
C VAL D 101 -6.52 -17.41 -34.36
N ARG D 102 -6.46 -18.43 -35.23
CA ARG D 102 -6.78 -18.21 -36.64
C ARG D 102 -8.28 -18.05 -36.87
N LEU D 103 -9.11 -18.84 -36.19
CA LEU D 103 -10.56 -18.65 -36.33
C LEU D 103 -10.95 -17.23 -35.94
N ILE D 104 -10.36 -16.71 -34.86
CA ILE D 104 -10.65 -15.35 -34.41
C ILE D 104 -10.14 -14.32 -35.41
N ALA D 105 -8.93 -14.53 -35.94
CA ALA D 105 -8.44 -13.62 -36.98
C ALA D 105 -9.38 -13.62 -38.18
N ASP D 106 -9.82 -14.82 -38.60
CA ASP D 106 -10.71 -14.93 -39.76
C ASP D 106 -12.02 -14.19 -39.53
N LEU D 107 -12.62 -14.35 -38.35
CA LEU D 107 -13.88 -13.66 -38.07
C LEU D 107 -13.71 -12.16 -38.12
N ASP D 108 -12.54 -11.66 -37.72
CA ASP D 108 -12.34 -10.23 -37.55
C ASP D 108 -12.32 -9.51 -38.91
N ARG D 109 -13.05 -8.41 -39.00
CA ARG D 109 -13.20 -7.66 -40.23
C ARG D 109 -13.56 -6.23 -39.86
N PRO D 110 -13.25 -5.25 -40.71
CA PRO D 110 -13.48 -3.84 -40.34
C PRO D 110 -14.97 -3.57 -40.14
N GLY D 111 -15.28 -2.80 -39.11
CA GLY D 111 -16.67 -2.51 -38.77
C GLY D 111 -17.38 -3.56 -37.94
N ARG D 112 -16.70 -4.65 -37.59
CA ARG D 112 -17.30 -5.72 -36.81
C ARG D 112 -16.71 -5.73 -35.40
N LEU D 113 -17.58 -5.95 -34.41
CA LEU D 113 -17.14 -6.28 -33.06
C LEU D 113 -17.10 -7.81 -32.91
N THR D 114 -15.92 -8.36 -32.66
CA THR D 114 -15.78 -9.80 -32.45
C THR D 114 -15.54 -10.08 -30.96
N LEU D 115 -16.53 -10.69 -30.30
CA LEU D 115 -16.43 -11.10 -28.91
C LEU D 115 -16.02 -12.57 -28.83
N VAL D 116 -15.10 -12.87 -27.92
CA VAL D 116 -14.56 -14.23 -27.73
C VAL D 116 -14.81 -14.64 -26.28
N GLU D 117 -15.58 -15.72 -26.09
CA GLU D 117 -15.76 -16.32 -24.77
C GLU D 117 -14.95 -17.61 -24.71
N GLY D 118 -14.04 -17.69 -23.75
CA GLY D 118 -13.39 -18.95 -23.41
C GLY D 118 -14.27 -19.79 -22.51
N ALA D 119 -13.69 -20.31 -21.43
CA ALA D 119 -14.43 -21.12 -20.47
C ALA D 119 -13.91 -20.79 -19.07
N GLY D 120 -14.83 -20.53 -18.13
CA GLY D 120 -14.40 -20.25 -16.77
C GLY D 120 -13.59 -18.96 -16.67
N GLY D 121 -12.59 -18.97 -15.79
CA GLY D 121 -11.77 -17.80 -15.55
C GLY D 121 -10.66 -17.62 -16.57
N LEU D 122 -9.82 -16.63 -16.30
CA LEU D 122 -8.89 -16.15 -17.32
C LEU D 122 -7.79 -17.17 -17.64
N LEU D 123 -7.38 -17.96 -16.66
CA LEU D 123 -6.24 -18.85 -16.85
C LEU D 123 -6.64 -20.29 -17.10
N VAL D 124 -7.90 -20.53 -17.43
CA VAL D 124 -8.37 -21.87 -17.78
C VAL D 124 -7.72 -22.31 -19.09
N GLU D 125 -7.23 -23.54 -19.11
CA GLU D 125 -6.62 -24.08 -20.32
C GLU D 125 -7.66 -24.28 -21.41
N LEU D 126 -7.39 -23.71 -22.61
CA LEU D 126 -8.28 -23.79 -23.76
C LEU D 126 -7.72 -24.52 -24.98
N ALA D 127 -6.40 -24.69 -25.08
CA ALA D 127 -5.81 -25.37 -26.23
C ALA D 127 -4.54 -26.09 -25.78
N GLU D 128 -4.15 -27.12 -26.57
N GLU D 128 -4.16 -27.13 -26.53
CA GLU D 128 -3.29 -28.27 -26.22
CA GLU D 128 -3.36 -28.27 -26.06
C GLU D 128 -2.16 -27.96 -25.25
C GLU D 128 -2.18 -27.90 -25.15
N PRO D 129 -1.18 -27.11 -25.60
CA PRO D 129 -0.03 -26.87 -24.71
C PRO D 129 -0.30 -25.72 -23.76
N GLY D 130 -1.31 -25.89 -22.89
CA GLY D 130 -1.60 -24.94 -21.85
C GLY D 130 -1.98 -23.56 -22.31
N VAL D 131 -2.51 -23.42 -23.52
CA VAL D 131 -2.94 -22.12 -24.01
C VAL D 131 -4.12 -21.64 -23.18
N THR D 132 -4.12 -20.36 -22.84
CA THR D 132 -5.18 -19.72 -22.10
C THR D 132 -5.78 -18.60 -22.90
N LEU D 133 -6.90 -18.10 -22.41
CA LEU D 133 -7.54 -16.96 -23.04
C LEU D 133 -6.69 -15.71 -22.94
N ARG D 134 -5.79 -15.64 -21.96
CA ARG D 134 -4.87 -14.50 -21.92
C ARG D 134 -3.91 -14.55 -23.10
N ASP D 135 -3.34 -15.73 -23.39
CA ASP D 135 -2.44 -15.86 -24.54
C ASP D 135 -3.17 -15.53 -25.85
N VAL D 136 -4.40 -16.04 -26.01
CA VAL D 136 -5.18 -15.73 -27.20
C VAL D 136 -5.32 -14.22 -27.37
N ALA D 137 -5.69 -13.53 -26.28
CA ALA D 137 -5.93 -12.10 -26.35
C ALA D 137 -4.68 -11.33 -26.76
N VAL D 138 -3.51 -11.81 -26.34
CA VAL D 138 -2.26 -11.14 -26.71
C VAL D 138 -1.89 -11.45 -28.16
N ASP D 139 -2.06 -12.70 -28.59
CA ASP D 139 -1.70 -13.10 -29.94
C ASP D 139 -2.52 -12.40 -31.01
N VAL D 140 -3.68 -11.86 -30.66
CA VAL D 140 -4.53 -11.18 -31.62
C VAL D 140 -4.76 -9.72 -31.24
N ALA D 141 -4.01 -9.21 -30.26
CA ALA D 141 -4.12 -7.81 -29.83
C ALA D 141 -5.53 -7.45 -29.33
N ALA D 142 -6.17 -8.38 -28.62
CA ALA D 142 -7.51 -8.14 -28.10
C ALA D 142 -7.44 -7.53 -26.70
N ALA D 143 -8.29 -6.54 -26.46
CA ALA D 143 -8.55 -6.09 -25.10
C ALA D 143 -9.42 -7.13 -24.36
N ALA D 144 -9.59 -6.93 -23.06
CA ALA D 144 -10.28 -7.90 -22.21
C ALA D 144 -11.36 -7.22 -21.39
N LEU D 145 -12.61 -7.64 -21.57
CA LEU D 145 -13.69 -7.27 -20.67
C LEU D 145 -13.81 -8.35 -19.60
N VAL D 146 -14.04 -7.93 -18.35
CA VAL D 146 -14.00 -8.82 -17.19
C VAL D 146 -15.37 -8.82 -16.52
N VAL D 147 -16.03 -9.97 -16.53
CA VAL D 147 -17.32 -10.10 -15.87
C VAL D 147 -17.10 -10.56 -14.43
N VAL D 148 -17.76 -9.88 -13.49
CA VAL D 148 -17.58 -10.10 -12.06
C VAL D 148 -18.94 -10.23 -11.41
N THR D 149 -18.97 -10.89 -10.26
CA THR D 149 -20.16 -10.92 -9.42
C THR D 149 -20.12 -9.74 -8.44
N ALA D 150 -21.23 -9.52 -7.74
CA ALA D 150 -21.27 -8.56 -6.64
C ALA D 150 -21.20 -9.24 -5.28
N ASP D 151 -20.82 -10.51 -5.24
CA ASP D 151 -20.84 -11.33 -4.04
C ASP D 151 -19.51 -11.27 -3.31
N LEU D 152 -19.51 -11.80 -2.08
CA LEU D 152 -18.28 -11.79 -1.31
C LEU D 152 -17.19 -12.55 -2.03
N GLY D 153 -15.99 -11.96 -2.05
CA GLY D 153 -14.87 -12.55 -2.74
C GLY D 153 -14.60 -11.97 -4.10
N THR D 154 -15.46 -11.07 -4.57
CA THR D 154 -15.33 -10.53 -5.91
C THR D 154 -14.16 -9.54 -6.00
N LEU D 155 -13.95 -8.75 -4.95
CA LEU D 155 -12.83 -7.81 -4.95
C LEU D 155 -11.50 -8.54 -5.11
N ASN D 156 -11.28 -9.61 -4.36
CA ASN D 156 -10.05 -10.40 -4.53
C ASN D 156 -9.92 -10.89 -5.97
N HIS D 157 -10.93 -11.60 -6.47
CA HIS D 157 -10.82 -12.23 -7.79
C HIS D 157 -10.71 -11.20 -8.91
N THR D 158 -11.40 -10.06 -8.77
CA THR D 158 -11.24 -8.99 -9.74
C THR D 158 -9.82 -8.40 -9.72
N LYS D 159 -9.25 -8.21 -8.52
CA LYS D 159 -7.88 -7.71 -8.46
C LYS D 159 -6.90 -8.74 -9.01
N LEU D 160 -7.10 -10.02 -8.66
CA LEU D 160 -6.23 -11.06 -9.20
C LEU D 160 -6.31 -11.08 -10.73
N THR D 161 -7.51 -10.96 -11.27
CA THR D 161 -7.70 -11.05 -12.71
C THR D 161 -7.12 -9.85 -13.42
N LEU D 162 -7.45 -8.65 -12.95
CA LEU D 162 -6.93 -7.44 -13.57
C LEU D 162 -5.41 -7.44 -13.54
N GLU D 163 -4.82 -7.89 -12.42
CA GLU D 163 -3.37 -7.97 -12.33
C GLU D 163 -2.82 -8.94 -13.36
N ALA D 164 -3.48 -10.10 -13.53
CA ALA D 164 -3.00 -11.09 -14.50
C ALA D 164 -3.07 -10.56 -15.92
N LEU D 165 -4.09 -9.75 -16.21
CA LEU D 165 -4.19 -9.12 -17.52
C LEU D 165 -3.06 -8.13 -17.73
N ALA D 166 -2.81 -7.27 -16.75
CA ALA D 166 -1.76 -6.27 -16.87
C ALA D 166 -0.37 -6.90 -16.91
N ALA D 167 -0.20 -8.11 -16.37
CA ALA D 167 1.11 -8.75 -16.39
C ALA D 167 1.57 -9.08 -17.80
N GLN D 168 0.63 -9.38 -18.71
CA GLN D 168 0.96 -9.61 -20.12
C GLN D 168 0.46 -8.48 -21.01
N GLN D 169 0.19 -7.31 -20.41
CA GLN D 169 -0.20 -6.11 -21.15
C GLN D 169 -1.43 -6.34 -22.03
N VAL D 170 -2.43 -7.04 -21.49
CA VAL D 170 -3.73 -7.10 -22.13
C VAL D 170 -4.55 -5.92 -21.62
N SER D 171 -4.87 -4.99 -22.51
CA SER D 171 -5.64 -3.83 -22.12
C SER D 171 -6.97 -4.28 -21.51
N CYS D 172 -7.43 -3.55 -20.50
CA CYS D 172 -8.67 -3.88 -19.80
C CYS D 172 -9.75 -2.90 -20.22
N ALA D 173 -10.82 -3.43 -20.83
CA ALA D 173 -11.93 -2.63 -21.35
C ALA D 173 -12.94 -2.23 -20.29
N GLY D 174 -12.89 -2.86 -19.11
CA GLY D 174 -13.83 -2.57 -18.06
C GLY D 174 -14.38 -3.85 -17.43
N LEU D 175 -15.25 -3.64 -16.46
CA LEU D 175 -15.94 -4.70 -15.76
C LEU D 175 -17.43 -4.65 -16.11
N VAL D 176 -18.06 -5.81 -16.14
CA VAL D 176 -19.50 -5.91 -16.11
C VAL D 176 -19.88 -6.81 -14.95
N ILE D 177 -20.87 -6.38 -14.17
CA ILE D 177 -21.46 -7.26 -13.17
C ILE D 177 -22.50 -8.10 -13.88
N GLY D 178 -22.30 -9.42 -13.85
CA GLY D 178 -23.13 -10.31 -14.66
C GLY D 178 -24.54 -10.46 -14.16
N SER D 179 -24.77 -10.21 -12.87
CA SER D 179 -26.10 -10.32 -12.25
C SER D 179 -26.15 -9.34 -11.09
N TRP D 180 -26.92 -8.27 -11.26
CA TRP D 180 -27.08 -7.24 -10.24
C TRP D 180 -28.42 -7.39 -9.56
N PRO D 181 -28.46 -7.68 -8.26
CA PRO D 181 -29.73 -8.02 -7.61
C PRO D 181 -30.57 -6.80 -7.28
N ASP D 182 -31.89 -6.99 -7.34
CA ASP D 182 -32.83 -5.92 -7.02
C ASP D 182 -33.77 -6.39 -5.91
N PRO D 183 -33.78 -5.70 -4.76
CA PRO D 183 -32.78 -4.67 -4.49
C PRO D 183 -31.50 -5.28 -3.90
N PRO D 184 -30.39 -4.54 -3.94
CA PRO D 184 -29.12 -5.12 -3.50
C PRO D 184 -29.03 -5.24 -1.99
N GLY D 185 -28.50 -6.37 -1.53
CA GLY D 185 -28.21 -6.55 -0.12
C GLY D 185 -27.01 -5.72 0.31
N LEU D 186 -26.52 -6.01 1.52
CA LEU D 186 -25.47 -5.17 2.09
C LEU D 186 -24.16 -5.32 1.34
N VAL D 187 -23.69 -6.57 1.19
CA VAL D 187 -22.43 -6.82 0.50
C VAL D 187 -22.52 -6.39 -0.95
N ALA D 188 -23.69 -6.61 -1.58
CA ALA D 188 -23.84 -6.29 -3.00
C ALA D 188 -23.65 -4.80 -3.25
N ALA D 189 -24.33 -3.95 -2.47
CA ALA D 189 -24.17 -2.51 -2.64
C ALA D 189 -22.74 -2.08 -2.38
N SER D 190 -22.12 -2.67 -1.34
CA SER D 190 -20.76 -2.32 -0.97
C SER D 190 -19.77 -2.69 -2.08
N ASN D 191 -19.89 -3.90 -2.62
CA ASN D 191 -18.96 -4.34 -3.65
C ASN D 191 -19.07 -3.49 -4.90
N ARG D 192 -20.29 -3.19 -5.35
CA ARG D 192 -20.43 -2.42 -6.58
C ARG D 192 -19.82 -1.04 -6.44
N SER D 193 -19.97 -0.41 -5.26
CA SER D 193 -19.23 0.82 -4.99
C SER D 193 -17.73 0.58 -5.08
N ALA D 194 -17.24 -0.48 -4.44
CA ALA D 194 -15.81 -0.74 -4.37
C ALA D 194 -15.24 -1.23 -5.69
N LEU D 195 -16.05 -1.88 -6.51
CA LEU D 195 -15.61 -2.24 -7.86
C LEU D 195 -15.50 -1.00 -8.74
N ALA D 196 -16.46 -0.08 -8.61
CA ALA D 196 -16.45 1.15 -9.39
C ALA D 196 -15.23 2.02 -9.09
N ARG D 197 -14.56 1.78 -7.96
CA ARG D 197 -13.30 2.45 -7.67
C ARG D 197 -12.10 1.70 -8.24
N ILE D 198 -12.22 0.40 -8.49
CA ILE D 198 -11.13 -0.34 -9.14
C ILE D 198 -11.03 0.04 -10.61
N ALA D 199 -12.16 0.06 -11.30
CA ALA D 199 -12.13 0.24 -12.75
C ALA D 199 -13.51 0.68 -13.22
N MET D 200 -13.58 1.09 -14.48
CA MET D 200 -14.84 1.46 -15.10
C MET D 200 -15.79 0.27 -15.14
N VAL D 201 -16.97 0.43 -14.53
CA VAL D 201 -18.00 -0.60 -14.52
C VAL D 201 -18.92 -0.33 -15.70
N ARG D 202 -18.77 -1.13 -16.76
CA ARG D 202 -19.46 -0.84 -18.02
C ARG D 202 -20.96 -1.08 -17.92
N ALA D 203 -21.39 -2.03 -17.09
CA ALA D 203 -22.81 -2.31 -16.90
C ALA D 203 -22.99 -3.22 -15.70
N ALA D 204 -24.21 -3.21 -15.17
CA ALA D 204 -24.67 -4.14 -14.15
C ALA D 204 -25.96 -4.76 -14.69
N LEU D 205 -25.85 -5.91 -15.32
CA LEU D 205 -27.01 -6.55 -15.90
C LEU D 205 -27.97 -6.96 -14.80
N PRO D 206 -29.27 -6.69 -14.95
CA PRO D 206 -30.23 -7.15 -13.95
C PRO D 206 -30.24 -8.67 -13.84
N ALA D 207 -30.42 -9.17 -12.62
CA ALA D 207 -30.54 -10.60 -12.44
C ALA D 207 -31.69 -11.13 -13.28
N GLY D 208 -31.54 -12.34 -13.80
CA GLY D 208 -32.55 -12.94 -14.65
C GLY D 208 -32.59 -12.42 -16.08
N ALA D 209 -31.65 -11.56 -16.48
CA ALA D 209 -31.65 -11.05 -17.85
C ALA D 209 -31.63 -12.16 -18.88
N ALA D 210 -31.03 -13.31 -18.57
CA ALA D 210 -31.00 -14.43 -19.50
C ALA D 210 -32.38 -15.06 -19.70
N SER D 211 -33.39 -14.69 -18.92
CA SER D 211 -34.70 -15.29 -19.05
C SER D 211 -35.68 -14.42 -19.82
N LEU D 212 -35.37 -13.13 -19.97
CA LEU D 212 -36.19 -12.24 -20.78
C LEU D 212 -36.29 -12.75 -22.20
N ASP D 213 -37.38 -12.37 -22.88
CA ASP D 213 -37.47 -12.67 -24.30
C ASP D 213 -36.68 -11.63 -25.08
N ALA D 214 -36.62 -11.83 -26.40
CA ALA D 214 -35.71 -11.07 -27.25
C ALA D 214 -35.98 -9.58 -27.17
N GLY D 215 -37.25 -9.18 -27.18
CA GLY D 215 -37.56 -7.76 -27.11
C GLY D 215 -37.15 -7.15 -25.78
N ASP D 216 -37.58 -7.77 -24.69
CA ASP D 216 -37.20 -7.27 -23.36
C ASP D 216 -35.68 -7.25 -23.20
N PHE D 217 -35.01 -8.31 -23.67
CA PHE D 217 -33.55 -8.35 -23.54
C PHE D 217 -32.87 -7.29 -24.39
N ALA D 218 -33.49 -6.90 -25.51
CA ALA D 218 -32.93 -5.83 -26.33
C ALA D 218 -33.02 -4.48 -25.62
N ALA D 219 -34.14 -4.20 -24.97
CA ALA D 219 -34.29 -2.93 -24.26
C ALA D 219 -33.39 -2.91 -23.03
N MET D 220 -33.38 -4.01 -22.26
CA MET D 220 -32.44 -4.13 -21.15
C MET D 220 -31.02 -3.83 -21.61
N SER D 221 -30.57 -4.51 -22.67
CA SER D 221 -29.20 -4.33 -23.16
C SER D 221 -28.91 -2.87 -23.51
N ALA D 222 -29.81 -2.24 -24.27
CA ALA D 222 -29.61 -0.85 -24.66
C ALA D 222 -29.63 0.09 -23.45
N ALA D 223 -30.41 -0.24 -22.42
CA ALA D 223 -30.39 0.57 -21.21
C ALA D 223 -29.13 0.35 -20.40
N ALA D 224 -28.55 -0.86 -20.44
CA ALA D 224 -27.51 -1.24 -19.49
C ALA D 224 -26.15 -0.61 -19.80
N PHE D 225 -25.85 -0.32 -21.07
CA PHE D 225 -24.56 0.23 -21.45
C PHE D 225 -24.72 1.68 -21.89
N ASP D 226 -23.68 2.47 -21.63
CA ASP D 226 -23.57 3.79 -22.24
C ASP D 226 -23.46 3.65 -23.76
N ARG D 227 -24.45 4.23 -24.47
CA ARG D 227 -24.50 4.18 -25.93
C ARG D 227 -23.22 4.71 -26.56
N ASN D 228 -22.55 5.66 -25.90
CA ASN D 228 -21.34 6.23 -26.46
C ASN D 228 -20.15 5.30 -26.30
N TRP D 229 -20.10 4.50 -25.23
CA TRP D 229 -19.01 3.54 -25.11
C TRP D 229 -19.17 2.41 -26.12
N VAL D 230 -20.41 1.98 -26.36
CA VAL D 230 -20.63 0.87 -27.28
C VAL D 230 -20.28 1.30 -28.70
N ALA D 231 -20.73 2.49 -29.12
CA ALA D 231 -20.40 2.96 -30.46
C ALA D 231 -18.90 3.21 -30.61
N GLY D 232 -18.24 3.58 -29.52
CA GLY D 232 -16.81 3.85 -29.62
C GLY D 232 -15.95 2.62 -29.79
N LEU D 233 -16.53 1.41 -29.71
CA LEU D 233 -15.71 0.20 -29.80
C LEU D 233 -15.28 -0.07 -31.24
N VAL D 234 -16.16 0.23 -32.21
CA VAL D 234 -15.90 0.21 -33.66
C VAL D 234 -14.91 -0.87 -34.12
#